data_3BFG
#
_entry.id   3BFG
#
_cell.length_a   188.142
_cell.length_b   73.177
_cell.length_c   105.384
_cell.angle_alpha   90.00
_cell.angle_beta   122.42
_cell.angle_gamma   90.00
#
_symmetry.space_group_name_H-M   'C 1 2 1'
#
loop_
_entity.id
_entity.type
_entity.pdbx_description
1 polymer 'Class A beta-lactamase Sed1'
2 non-polymer '(4R,5S)-3-{[(3S,5S)-5-(dimethylcarbamoyl)pyrrolidin-3-yl]sulfanyl}-5-[(2S,3R)-3-hydroxy-1-oxobutan-2-yl]-4-methyl-4,5-d ihydro-1H-pyrrole-2-carboxylic acid'
3 water water
#
_entity_poly.entity_id   1
_entity_poly.type   'polypeptide(L)'
_entity_poly.pdbx_seq_one_letter_code
;VQQVQKKLAALEKQSGGRLGVALINTADNSQVLYRADERFAMCSTSKVMTAAAVLKQSETHDGILQQKMTIKKADLTNWN
PVTEKYVGNTMTLAELSAATLQYSDNTAMNKLLAHLGGPGNVTAFARSIGDTTFRLDRKEPELNTAIPGDERDTTSPLAM
AKSLRKLTLGDALAGPQRAQLVDWLKGNTTGGQSIRAGLPAHWVVGDKTGACDYGTTNDIAVIWPEDRAPLVLVTYFTQP
QQDAKWRKDVLAAAAKIVTEGK
;
_entity_poly.pdbx_strand_id   A,B,C,D
#
loop_
_chem_comp.id
_chem_comp.type
_chem_comp.name
_chem_comp.formula
MER non-polymer '(4R,5S)-3-{[(3S,5S)-5-(dimethylcarbamoyl)pyrrolidin-3-yl]sulfanyl}-5-[(2S,3R)-3-hydroxy-1-oxobutan-2-yl]-4-methyl-4,5-d ihydro-1H-pyrrole-2-carboxylic acid' 'C17 H27 N3 O5 S'
#
# COMPACT_ATOMS: atom_id res chain seq x y z
N VAL A 1 8.93 22.29 47.37
CA VAL A 1 9.19 23.63 46.74
C VAL A 1 7.89 24.39 46.53
N GLN A 2 7.63 25.36 47.41
CA GLN A 2 6.41 26.17 47.32
C GLN A 2 6.62 27.31 46.35
N GLN A 3 7.79 27.35 45.72
CA GLN A 3 8.09 28.38 44.73
C GLN A 3 7.03 28.23 43.65
N VAL A 4 6.80 26.98 43.25
CA VAL A 4 5.82 26.66 42.23
C VAL A 4 4.44 27.12 42.65
N GLN A 5 4.10 26.91 43.91
CA GLN A 5 2.80 27.31 44.44
C GLN A 5 2.61 28.83 44.30
N LYS A 6 3.64 29.58 44.68
CA LYS A 6 3.58 31.03 44.60
C LYS A 6 3.43 31.46 43.14
N LYS A 7 4.18 30.84 42.25
CA LYS A 7 4.12 31.19 40.84
C LYS A 7 2.75 30.90 40.24
N LEU A 8 2.16 29.76 40.61
CA LEU A 8 0.84 29.39 40.11
C LEU A 8 -0.19 30.39 40.62
N ALA A 9 -0.12 30.69 41.91
CA ALA A 9 -1.03 31.63 42.54
C ALA A 9 -0.96 32.99 41.84
N ALA A 10 0.25 33.43 41.49
CA ALA A 10 0.44 34.70 40.82
C ALA A 10 -0.10 34.63 39.40
N LEU A 11 0.12 33.49 38.74
CA LEU A 11 -0.35 33.29 37.38
C LEU A 11 -1.88 33.42 37.34
N GLU A 12 -2.55 32.77 38.30
CA GLU A 12 -4.00 32.81 38.38
C GLU A 12 -4.52 34.22 38.65
N LYS A 13 -3.96 34.87 39.66
CA LYS A 13 -4.38 36.23 40.01
C LYS A 13 -4.25 37.18 38.84
N GLN A 14 -3.13 37.07 38.13
CA GLN A 14 -2.85 37.92 36.99
C GLN A 14 -3.75 37.62 35.80
N SER A 15 -4.21 36.37 35.72
CA SER A 15 -5.09 35.95 34.63
C SER A 15 -6.53 36.42 34.87
N GLY A 16 -6.88 36.62 36.14
CA GLY A 16 -8.23 37.05 36.46
C GLY A 16 -9.25 35.92 36.38
N GLY A 17 -8.78 34.68 36.33
CA GLY A 17 -9.68 33.54 36.26
C GLY A 17 -9.44 32.54 37.38
N ARG A 18 -9.92 31.32 37.18
CA ARG A 18 -9.75 30.25 38.16
C ARG A 18 -8.93 29.15 37.48
N LEU A 19 -7.78 28.86 38.08
CA LEU A 19 -6.86 27.87 37.54
C LEU A 19 -6.86 26.55 38.31
N GLY A 20 -6.86 25.46 37.56
CA GLY A 20 -6.86 24.13 38.16
C GLY A 20 -5.69 23.32 37.60
N VAL A 21 -4.79 22.89 38.48
CA VAL A 21 -3.64 22.13 38.02
C VAL A 21 -3.39 20.89 38.86
N ALA A 22 -3.06 19.80 38.18
CA ALA A 22 -2.74 18.54 38.83
C ALA A 22 -1.61 17.88 38.05
N LEU A 23 -0.46 17.77 38.68
CA LEU A 23 0.70 17.15 38.06
C LEU A 23 1.10 15.92 38.86
N ILE A 24 1.25 14.81 38.16
CA ILE A 24 1.68 13.57 38.80
C ILE A 24 3.00 13.16 38.17
N ASN A 25 4.02 13.04 38.99
CA ASN A 25 5.35 12.64 38.53
C ASN A 25 5.43 11.14 38.81
N THR A 26 5.37 10.32 37.76
CA THR A 26 5.41 8.87 37.96
C THR A 26 6.75 8.35 38.44
N ALA A 27 7.74 9.23 38.52
CA ALA A 27 9.06 8.84 38.99
C ALA A 27 9.02 8.44 40.47
N ASP A 28 8.26 9.21 41.25
CA ASP A 28 8.16 8.96 42.69
C ASP A 28 6.74 9.19 43.20
N ASN A 29 5.81 9.38 42.27
CA ASN A 29 4.41 9.62 42.61
C ASN A 29 4.13 10.91 43.35
N SER A 30 5.05 11.87 43.28
CA SER A 30 4.85 13.16 43.92
C SER A 30 3.83 13.95 43.09
N GLN A 31 3.15 14.91 43.71
CA GLN A 31 2.16 15.68 42.98
C GLN A 31 2.28 17.19 43.21
N VAL A 32 1.85 17.96 42.21
CA VAL A 32 1.83 19.42 42.33
C VAL A 32 0.35 19.73 42.16
N LEU A 33 -0.27 20.23 43.21
CA LEU A 33 -1.70 20.51 43.19
C LEU A 33 -2.08 21.97 43.41
N TYR A 34 -3.07 22.42 42.64
CA TYR A 34 -3.60 23.78 42.75
C TYR A 34 -5.08 23.66 42.41
N ARG A 35 -5.93 23.77 43.44
CA ARG A 35 -7.38 23.63 43.27
C ARG A 35 -7.65 22.28 42.60
N ALA A 36 -6.78 21.32 42.88
CA ALA A 36 -6.86 19.99 42.29
C ALA A 36 -8.11 19.18 42.66
N ASP A 37 -8.83 19.59 43.68
CA ASP A 37 -10.05 18.87 44.07
C ASP A 37 -11.32 19.64 43.72
N GLU A 38 -11.16 20.82 43.10
CA GLU A 38 -12.32 21.62 42.70
C GLU A 38 -12.80 21.14 41.35
N ARG A 39 -14.08 21.33 41.05
CA ARG A 39 -14.64 20.89 39.77
C ARG A 39 -14.53 21.96 38.69
N PHE A 40 -14.23 21.52 37.47
CA PHE A 40 -14.10 22.39 36.32
C PHE A 40 -14.83 21.72 35.17
N ALA A 41 -15.45 22.50 34.29
CA ALA A 41 -16.13 21.93 33.14
C ALA A 41 -15.02 21.36 32.25
N MET A 42 -15.23 20.14 31.73
CA MET A 42 -14.23 19.47 30.92
C MET A 42 -14.11 19.87 29.45
N CYS A 43 -15.19 20.41 28.86
CA CYS A 43 -15.16 20.77 27.41
C CYS A 43 -14.72 19.55 26.59
N SER A 44 -13.87 19.74 25.53
CA SER A 44 -13.50 18.56 24.74
C SER A 44 -12.65 17.52 25.46
N THR A 45 -12.14 17.83 26.63
CA THR A 45 -11.25 16.86 27.29
C THR A 45 -11.99 15.61 27.78
N SER A 46 -13.31 15.67 27.82
CA SER A 46 -14.11 14.54 28.23
C SER A 46 -14.04 13.47 27.14
N LYS A 47 -13.63 13.90 25.94
CA LYS A 47 -13.52 12.98 24.81
C LYS A 47 -12.52 11.85 25.05
N VAL A 48 -11.60 12.04 25.98
CA VAL A 48 -10.60 11.01 26.27
C VAL A 48 -11.24 9.83 27.00
N MET A 49 -12.07 10.13 28.00
CA MET A 49 -12.73 9.07 28.75
C MET A 49 -13.69 8.37 27.79
N THR A 50 -14.29 9.14 26.90
CA THR A 50 -15.24 8.59 25.95
C THR A 50 -14.58 7.63 24.97
N ALA A 51 -13.48 8.05 24.38
CA ALA A 51 -12.76 7.21 23.43
C ALA A 51 -12.25 5.96 24.15
N ALA A 52 -11.83 6.15 25.40
CA ALA A 52 -11.31 5.04 26.20
C ALA A 52 -12.39 4.00 26.48
N ALA A 53 -13.64 4.44 26.59
CA ALA A 53 -14.74 3.51 26.87
C ALA A 53 -14.92 2.60 25.65
N VAL A 54 -14.76 3.16 24.46
CA VAL A 54 -14.88 2.38 23.25
C VAL A 54 -13.72 1.39 23.19
N LEU A 55 -12.51 1.86 23.50
CA LEU A 55 -11.35 0.98 23.48
C LEU A 55 -11.55 -0.19 24.46
N LYS A 56 -12.18 0.10 25.60
CA LYS A 56 -12.42 -0.94 26.60
C LYS A 56 -13.27 -2.04 25.98
N GLN A 57 -14.31 -1.66 25.24
CA GLN A 57 -15.18 -2.64 24.59
C GLN A 57 -14.37 -3.54 23.67
N SER A 58 -13.47 -2.95 22.88
CA SER A 58 -12.67 -3.71 21.93
C SER A 58 -11.84 -4.81 22.58
N GLU A 59 -11.69 -4.76 23.90
CA GLU A 59 -10.94 -5.79 24.60
C GLU A 59 -11.70 -7.11 24.55
N THR A 60 -13.02 -7.04 24.62
CA THR A 60 -13.85 -8.23 24.58
C THR A 60 -14.52 -8.43 23.22
N HIS A 61 -14.95 -7.34 22.61
CA HIS A 61 -15.59 -7.41 21.30
C HIS A 61 -14.51 -7.29 20.24
N ASP A 62 -14.24 -8.39 19.55
CA ASP A 62 -13.21 -8.41 18.52
C ASP A 62 -13.57 -7.63 17.25
N GLY A 63 -12.64 -6.80 16.79
CA GLY A 63 -12.84 -6.02 15.59
C GLY A 63 -13.85 -4.88 15.67
N ILE A 64 -14.41 -4.65 16.84
CA ILE A 64 -15.39 -3.59 17.01
C ILE A 64 -14.90 -2.24 16.47
N LEU A 65 -13.59 -1.99 16.59
CA LEU A 65 -13.01 -0.72 16.13
C LEU A 65 -13.15 -0.52 14.63
N GLN A 66 -13.41 -1.61 13.90
CA GLN A 66 -13.58 -1.56 12.46
C GLN A 66 -15.05 -1.47 12.07
N GLN A 67 -15.93 -1.47 13.07
CA GLN A 67 -17.37 -1.37 12.83
C GLN A 67 -17.69 -0.01 12.24
N LYS A 68 -18.59 0.00 11.26
CA LYS A 68 -18.95 1.24 10.59
C LYS A 68 -20.21 1.93 11.10
N MET A 69 -20.22 3.25 10.92
CA MET A 69 -21.34 4.10 11.27
C MET A 69 -21.48 5.09 10.14
N THR A 70 -22.72 5.41 9.79
CA THR A 70 -22.97 6.34 8.70
C THR A 70 -23.01 7.77 9.22
N ILE A 71 -22.54 8.70 8.40
CA ILE A 71 -22.52 10.11 8.76
C ILE A 71 -23.56 10.83 7.90
N LYS A 72 -24.62 11.32 8.53
CA LYS A 72 -25.67 12.03 7.82
C LYS A 72 -25.56 13.55 7.99
N LYS A 73 -26.05 14.29 7.01
CA LYS A 73 -26.01 15.75 7.05
C LYS A 73 -26.71 16.27 8.29
N ALA A 74 -27.45 15.38 8.97
CA ALA A 74 -28.18 15.76 10.17
C ALA A 74 -27.34 15.55 11.43
N ASP A 75 -26.28 14.77 11.32
CA ASP A 75 -25.42 14.51 12.47
C ASP A 75 -24.50 15.68 12.75
N LEU A 76 -24.17 16.42 11.70
CA LEU A 76 -23.26 17.56 11.81
C LEU A 76 -23.63 18.51 12.95
N THR A 77 -22.60 18.94 13.69
CA THR A 77 -22.77 19.86 14.80
C THR A 77 -22.06 21.17 14.50
N ASN A 78 -21.60 21.85 15.54
CA ASN A 78 -20.92 23.13 15.38
C ASN A 78 -19.44 23.00 14.99
N TRP A 79 -18.94 21.77 14.94
CA TRP A 79 -17.54 21.57 14.58
C TRP A 79 -17.33 20.16 14.05
N ASN A 80 -17.16 20.05 12.74
CA ASN A 80 -16.99 18.75 12.09
C ASN A 80 -15.85 18.76 11.09
N PRO A 81 -14.63 19.12 11.53
CA PRO A 81 -13.49 19.17 10.61
C PRO A 81 -13.27 17.89 9.79
N VAL A 82 -13.48 16.73 10.41
CA VAL A 82 -13.28 15.47 9.73
C VAL A 82 -14.58 14.87 9.21
N THR A 83 -15.57 14.73 10.09
CA THR A 83 -16.85 14.15 9.73
C THR A 83 -17.53 14.80 8.53
N GLU A 84 -17.40 16.12 8.41
CA GLU A 84 -18.04 16.82 7.30
C GLU A 84 -17.52 16.30 5.97
N LYS A 85 -16.37 15.64 6.01
CA LYS A 85 -15.78 15.07 4.80
C LYS A 85 -16.43 13.74 4.44
N TYR A 86 -17.27 13.23 5.33
CA TYR A 86 -17.92 11.94 5.09
C TYR A 86 -19.45 11.98 5.07
N VAL A 87 -20.03 13.16 4.86
CA VAL A 87 -21.49 13.24 4.85
C VAL A 87 -22.03 12.32 3.75
N GLY A 88 -22.77 11.30 4.15
CA GLY A 88 -23.33 10.37 3.18
C GLY A 88 -22.62 9.03 3.16
N ASN A 89 -21.44 8.97 3.76
CA ASN A 89 -20.67 7.73 3.80
C ASN A 89 -20.43 7.24 5.22
N THR A 90 -19.51 6.29 5.37
CA THR A 90 -19.22 5.73 6.68
C THR A 90 -17.82 6.03 7.20
N MET A 91 -17.67 5.84 8.51
CA MET A 91 -16.42 6.03 9.23
C MET A 91 -16.40 4.90 10.26
N THR A 92 -15.26 4.26 10.44
CA THR A 92 -15.16 3.20 11.44
C THR A 92 -15.07 3.87 12.80
N LEU A 93 -15.25 3.08 13.86
CA LEU A 93 -15.18 3.63 15.21
C LEU A 93 -13.78 4.17 15.49
N ALA A 94 -12.77 3.52 14.90
CA ALA A 94 -11.38 3.93 15.07
C ALA A 94 -11.20 5.32 14.46
N GLU A 95 -11.71 5.48 13.23
CA GLU A 95 -11.63 6.74 12.53
C GLU A 95 -12.40 7.82 13.29
N LEU A 96 -13.53 7.43 13.85
CA LEU A 96 -14.34 8.38 14.62
C LEU A 96 -13.59 8.77 15.89
N SER A 97 -13.01 7.79 16.56
CA SER A 97 -12.27 8.06 17.79
C SER A 97 -11.09 8.98 17.49
N ALA A 98 -10.39 8.68 16.40
CA ALA A 98 -9.24 9.48 15.98
C ALA A 98 -9.68 10.90 15.68
N ALA A 99 -10.83 11.04 15.02
CA ALA A 99 -11.34 12.35 14.67
C ALA A 99 -11.70 13.20 15.90
N THR A 100 -12.33 12.59 16.89
CA THR A 100 -12.72 13.34 18.09
C THR A 100 -11.50 13.71 18.91
N LEU A 101 -10.53 12.81 18.98
CA LEU A 101 -9.33 13.06 19.77
C LEU A 101 -8.28 13.98 19.15
N GLN A 102 -8.03 13.82 17.85
CA GLN A 102 -7.00 14.60 17.17
C GLN A 102 -7.44 15.91 16.54
N TYR A 103 -8.73 16.04 16.24
CA TYR A 103 -9.25 17.27 15.65
C TYR A 103 -10.43 17.81 16.47
N SER A 104 -10.74 17.12 17.55
CA SER A 104 -11.83 17.51 18.44
C SER A 104 -13.16 17.60 17.69
N ASP A 105 -13.35 16.71 16.73
CA ASP A 105 -14.58 16.67 15.93
C ASP A 105 -15.79 16.35 16.82
N ASN A 106 -16.72 17.29 16.92
CA ASN A 106 -17.93 17.12 17.74
C ASN A 106 -18.90 16.06 17.22
N THR A 107 -19.08 16.01 15.91
CA THR A 107 -19.98 15.04 15.31
C THR A 107 -19.48 13.65 15.63
N ALA A 108 -18.17 13.47 15.56
CA ALA A 108 -17.56 12.19 15.85
C ALA A 108 -17.82 11.81 17.31
N MET A 109 -17.72 12.81 18.20
CA MET A 109 -17.97 12.58 19.62
C MET A 109 -19.38 12.04 19.84
N ASN A 110 -20.38 12.73 19.28
CA ASN A 110 -21.77 12.29 19.44
C ASN A 110 -22.00 10.92 18.81
N LYS A 111 -21.21 10.59 17.80
CA LYS A 111 -21.34 9.28 17.17
C LYS A 111 -20.86 8.21 18.14
N LEU A 112 -19.78 8.50 18.87
CA LEU A 112 -19.25 7.55 19.84
C LEU A 112 -20.23 7.41 21.01
N LEU A 113 -20.83 8.53 21.41
CA LEU A 113 -21.79 8.53 22.50
C LEU A 113 -23.01 7.69 22.13
N ALA A 114 -23.48 7.87 20.90
CA ALA A 114 -24.62 7.11 20.42
C ALA A 114 -24.28 5.63 20.47
N HIS A 115 -23.08 5.30 20.02
CA HIS A 115 -22.62 3.90 20.03
C HIS A 115 -22.62 3.34 21.46
N LEU A 116 -22.11 4.12 22.40
CA LEU A 116 -22.01 3.71 23.79
C LEU A 116 -23.33 3.74 24.55
N GLY A 117 -24.35 4.35 23.97
CA GLY A 117 -25.64 4.41 24.65
C GLY A 117 -25.87 5.66 25.46
N GLY A 118 -25.06 6.70 25.25
CA GLY A 118 -25.25 7.94 25.98
C GLY A 118 -24.14 8.28 26.95
N PRO A 119 -24.09 9.53 27.43
CA PRO A 119 -23.07 10.00 28.38
C PRO A 119 -23.05 9.26 29.70
N GLY A 120 -24.21 8.75 30.10
CA GLY A 120 -24.29 8.01 31.35
C GLY A 120 -23.41 6.77 31.32
N ASN A 121 -23.18 6.23 30.12
CA ASN A 121 -22.34 5.05 29.96
C ASN A 121 -20.86 5.38 30.12
N VAL A 122 -20.49 6.60 29.75
CA VAL A 122 -19.12 7.04 29.87
C VAL A 122 -18.85 7.24 31.36
N THR A 123 -19.84 7.78 32.06
CA THR A 123 -19.72 7.99 33.51
C THR A 123 -19.54 6.64 34.18
N ALA A 124 -20.32 5.66 33.75
CA ALA A 124 -20.24 4.32 34.31
C ALA A 124 -18.82 3.79 34.09
N PHE A 125 -18.30 3.94 32.88
CA PHE A 125 -16.95 3.47 32.60
C PHE A 125 -15.96 4.11 33.57
N ALA A 126 -16.07 5.42 33.77
CA ALA A 126 -15.18 6.13 34.69
C ALA A 126 -15.24 5.49 36.07
N ARG A 127 -16.44 5.20 36.55
CA ARG A 127 -16.61 4.58 37.85
C ARG A 127 -15.92 3.21 37.88
N SER A 128 -16.04 2.47 36.78
CA SER A 128 -15.44 1.14 36.70
C SER A 128 -13.91 1.17 36.83
N ILE A 129 -13.29 2.30 36.51
CA ILE A 129 -11.84 2.40 36.63
C ILE A 129 -11.45 3.11 37.93
N GLY A 130 -12.43 3.33 38.79
CA GLY A 130 -12.16 3.98 40.06
C GLY A 130 -12.30 5.49 40.11
N ASP A 131 -12.76 6.10 39.02
CA ASP A 131 -12.94 7.55 39.01
C ASP A 131 -14.35 7.85 39.48
N THR A 132 -14.47 8.37 40.70
CA THR A 132 -15.78 8.70 41.25
C THR A 132 -16.11 10.19 41.18
N THR A 133 -15.29 10.94 40.46
CA THR A 133 -15.51 12.38 40.32
C THR A 133 -16.05 12.73 38.94
N PHE A 134 -15.48 12.12 37.91
CA PHE A 134 -15.88 12.34 36.54
C PHE A 134 -17.39 12.13 36.35
N ARG A 135 -17.98 12.93 35.48
CA ARG A 135 -19.38 12.78 35.15
C ARG A 135 -19.68 13.45 33.82
N LEU A 136 -20.25 12.67 32.91
CA LEU A 136 -20.64 13.18 31.61
C LEU A 136 -22.17 13.18 31.64
N ASP A 137 -22.76 14.32 31.33
CA ASP A 137 -24.20 14.45 31.40
C ASP A 137 -24.91 14.76 30.09
N ARG A 138 -24.26 15.53 29.23
CA ARG A 138 -24.84 15.91 27.96
C ARG A 138 -23.96 15.53 26.78
N LYS A 139 -24.49 15.72 25.57
CA LYS A 139 -23.74 15.42 24.35
C LYS A 139 -23.26 16.76 23.78
N GLU A 140 -22.65 16.71 22.60
CA GLU A 140 -22.16 17.93 21.95
C GLU A 140 -23.34 18.64 21.28
N PRO A 141 -23.42 19.98 21.39
CA PRO A 141 -22.47 20.87 22.04
C PRO A 141 -22.89 21.35 23.44
N GLU A 142 -24.08 20.97 23.88
CA GLU A 142 -24.58 21.39 25.20
C GLU A 142 -23.61 21.18 26.36
N LEU A 143 -22.79 20.13 26.27
CA LEU A 143 -21.84 19.84 27.34
C LEU A 143 -20.79 20.93 27.51
N ASN A 144 -20.79 21.93 26.63
CA ASN A 144 -19.81 23.00 26.71
C ASN A 144 -20.30 24.31 27.34
N THR A 145 -21.42 24.29 28.04
CA THR A 145 -21.91 25.52 28.65
C THR A 145 -20.97 26.04 29.73
N ALA A 146 -20.33 25.12 30.46
CA ALA A 146 -19.36 25.47 31.51
C ALA A 146 -19.84 26.53 32.48
N ILE A 147 -21.13 26.54 32.78
CA ILE A 147 -21.70 27.51 33.69
C ILE A 147 -21.13 27.40 35.11
N PRO A 148 -20.61 28.50 35.66
CA PRO A 148 -20.04 28.50 37.00
C PRO A 148 -21.01 27.92 38.02
N GLY A 149 -20.54 26.96 38.81
CA GLY A 149 -21.40 26.35 39.82
C GLY A 149 -22.19 25.15 39.34
N ASP A 150 -22.25 24.94 38.03
CA ASP A 150 -22.96 23.80 37.46
C ASP A 150 -22.03 22.60 37.51
N GLU A 151 -22.48 21.49 38.11
CA GLU A 151 -21.61 20.32 38.21
C GLU A 151 -21.66 19.38 37.02
N ARG A 152 -22.57 19.65 36.08
CA ARG A 152 -22.69 18.81 34.90
C ARG A 152 -21.42 18.84 34.04
N ASP A 153 -21.06 17.69 33.50
CA ASP A 153 -19.91 17.56 32.62
C ASP A 153 -18.65 18.17 33.22
N THR A 154 -18.37 17.82 34.47
CA THR A 154 -17.21 18.33 35.17
C THR A 154 -16.42 17.21 35.83
N THR A 155 -15.24 17.56 36.30
CA THR A 155 -14.38 16.65 37.03
C THR A 155 -13.32 17.52 37.72
N SER A 156 -12.42 16.90 38.46
CA SER A 156 -11.37 17.66 39.14
C SER A 156 -10.06 17.45 38.41
N PRO A 157 -9.10 18.37 38.58
CA PRO A 157 -7.84 18.17 37.89
C PRO A 157 -7.16 16.87 38.36
N LEU A 158 -7.20 16.62 39.67
CA LEU A 158 -6.59 15.43 40.22
C LEU A 158 -7.26 14.15 39.75
N ALA A 159 -8.59 14.14 39.74
CA ALA A 159 -9.32 12.95 39.32
C ALA A 159 -9.00 12.64 37.86
N MET A 160 -8.96 13.67 37.03
CA MET A 160 -8.66 13.46 35.61
C MET A 160 -7.21 13.04 35.42
N ALA A 161 -6.31 13.55 36.24
CA ALA A 161 -4.90 13.19 36.14
C ALA A 161 -4.73 11.71 36.48
N LYS A 162 -5.40 11.26 37.54
CA LYS A 162 -5.29 9.87 37.95
C LYS A 162 -5.90 8.95 36.91
N SER A 163 -7.03 9.34 36.34
CA SER A 163 -7.67 8.52 35.32
C SER A 163 -6.83 8.47 34.04
N LEU A 164 -6.30 9.62 33.62
CA LEU A 164 -5.48 9.65 32.42
C LEU A 164 -4.27 8.73 32.62
N ARG A 165 -3.74 8.70 33.84
CA ARG A 165 -2.60 7.86 34.15
C ARG A 165 -2.97 6.38 34.10
N LYS A 166 -4.11 6.05 34.71
CA LYS A 166 -4.59 4.67 34.72
C LYS A 166 -4.82 4.18 33.31
N LEU A 167 -5.37 5.05 32.47
CA LEU A 167 -5.68 4.73 31.08
C LEU A 167 -4.47 4.62 30.15
N THR A 168 -3.50 5.50 30.29
CA THR A 168 -2.34 5.51 29.41
C THR A 168 -1.11 4.75 29.91
N LEU A 169 -0.96 4.67 31.22
CA LEU A 169 0.19 4.01 31.81
C LEU A 169 -0.17 2.83 32.71
N GLY A 170 -1.37 2.88 33.30
CA GLY A 170 -1.81 1.82 34.20
C GLY A 170 -2.42 0.57 33.59
N ASP A 171 -3.45 0.04 34.24
CA ASP A 171 -4.10 -1.19 33.78
C ASP A 171 -5.58 -1.03 33.43
N ALA A 172 -6.07 0.21 33.38
CA ALA A 172 -7.47 0.45 33.06
C ALA A 172 -7.81 -0.12 31.67
N LEU A 173 -6.82 -0.11 30.78
CA LEU A 173 -6.99 -0.65 29.43
C LEU A 173 -5.94 -1.73 29.18
N ALA A 174 -6.23 -2.64 28.25
CA ALA A 174 -5.30 -3.71 27.91
C ALA A 174 -4.20 -3.15 27.00
N GLY A 175 -3.07 -3.86 26.94
CA GLY A 175 -1.94 -3.43 26.13
C GLY A 175 -2.26 -2.78 24.79
N PRO A 176 -2.89 -3.51 23.87
CA PRO A 176 -3.23 -2.96 22.54
C PRO A 176 -4.05 -1.67 22.60
N GLN A 177 -5.07 -1.66 23.44
CA GLN A 177 -5.94 -0.50 23.58
C GLN A 177 -5.17 0.67 24.19
N ARG A 178 -4.33 0.38 25.17
CA ARG A 178 -3.52 1.39 25.84
C ARG A 178 -2.61 2.06 24.82
N ALA A 179 -2.01 1.26 23.95
CA ALA A 179 -1.11 1.75 22.90
C ALA A 179 -1.84 2.62 21.88
N GLN A 180 -3.09 2.27 21.60
CA GLN A 180 -3.88 3.05 20.64
C GLN A 180 -4.25 4.42 21.23
N LEU A 181 -4.58 4.44 22.52
CA LEU A 181 -4.95 5.68 23.18
C LEU A 181 -3.74 6.61 23.21
N VAL A 182 -2.59 6.07 23.59
CA VAL A 182 -1.37 6.85 23.63
C VAL A 182 -1.03 7.36 22.24
N ASP A 183 -1.17 6.49 21.25
CA ASP A 183 -0.87 6.87 19.88
C ASP A 183 -1.79 8.00 19.43
N TRP A 184 -3.06 7.92 19.81
CA TRP A 184 -4.01 8.96 19.46
C TRP A 184 -3.70 10.27 20.15
N LEU A 185 -3.36 10.23 21.43
CA LEU A 185 -3.06 11.44 22.18
C LEU A 185 -1.81 12.15 21.63
N LYS A 186 -0.84 11.36 21.20
CA LYS A 186 0.39 11.91 20.64
C LYS A 186 0.10 12.56 19.28
N GLY A 187 -0.91 12.04 18.59
CA GLY A 187 -1.28 12.56 17.30
C GLY A 187 -2.22 13.75 17.33
N ASN A 188 -2.44 14.31 18.52
CA ASN A 188 -3.34 15.46 18.64
C ASN A 188 -2.76 16.63 17.84
N THR A 189 -3.62 17.30 17.08
CA THR A 189 -3.17 18.42 16.25
C THR A 189 -3.59 19.80 16.76
N THR A 190 -4.27 19.86 17.90
CA THR A 190 -4.74 21.14 18.43
C THR A 190 -4.04 21.63 19.70
N GLY A 191 -3.04 20.89 20.18
CA GLY A 191 -2.38 21.31 21.41
C GLY A 191 -1.17 22.21 21.31
N GLY A 192 -0.79 22.58 20.10
CA GLY A 192 0.37 23.42 19.89
C GLY A 192 0.55 24.66 20.74
N GLN A 193 -0.54 25.31 21.13
CA GLN A 193 -0.47 26.52 21.93
C GLN A 193 -0.70 26.33 23.42
N SER A 194 -0.97 25.10 23.85
CA SER A 194 -1.25 24.84 25.25
C SER A 194 -0.08 24.28 26.05
N ILE A 195 -0.32 23.20 26.80
CA ILE A 195 0.72 22.58 27.62
C ILE A 195 2.02 22.39 26.83
N ARG A 196 1.91 21.95 25.58
CA ARG A 196 3.08 21.73 24.73
C ARG A 196 3.93 22.99 24.60
N ALA A 197 3.27 24.15 24.49
CA ALA A 197 3.97 25.42 24.34
C ALA A 197 4.90 25.75 25.51
N GLY A 198 4.63 25.16 26.66
CA GLY A 198 5.47 25.43 27.83
C GLY A 198 6.52 24.37 28.10
N LEU A 199 6.75 23.48 27.13
CA LEU A 199 7.73 22.42 27.30
C LEU A 199 8.87 22.45 26.28
N PRO A 200 10.03 21.89 26.65
CA PRO A 200 11.15 21.89 25.69
C PRO A 200 10.60 21.20 24.44
N ALA A 201 10.95 21.69 23.27
CA ALA A 201 10.44 21.16 22.01
C ALA A 201 10.66 19.67 21.71
N HIS A 202 11.72 19.08 22.23
CA HIS A 202 11.97 17.66 21.94
C HIS A 202 11.27 16.66 22.86
N TRP A 203 10.61 17.15 23.91
CA TRP A 203 9.88 16.26 24.81
C TRP A 203 8.71 15.68 24.04
N VAL A 204 8.37 14.42 24.31
CA VAL A 204 7.26 13.75 23.64
C VAL A 204 5.99 13.93 24.47
N VAL A 205 4.92 14.32 23.80
CA VAL A 205 3.67 14.58 24.50
C VAL A 205 2.42 14.01 23.84
N GLY A 206 1.51 13.54 24.70
CA GLY A 206 0.23 13.05 24.25
C GLY A 206 -0.75 13.95 25.00
N ASP A 207 -1.73 14.52 24.32
CA ASP A 207 -2.66 15.40 25.02
C ASP A 207 -4.00 15.61 24.34
N LYS A 208 -4.93 16.15 25.11
CA LYS A 208 -6.26 16.47 24.59
C LYS A 208 -6.63 17.84 25.14
N THR A 209 -6.83 18.78 24.24
CA THR A 209 -7.19 20.13 24.62
C THR A 209 -8.70 20.27 24.70
N GLY A 210 -9.13 21.47 25.08
CA GLY A 210 -10.54 21.75 25.19
C GLY A 210 -10.76 23.23 25.48
N ALA A 211 -11.84 23.78 24.94
CA ALA A 211 -12.14 25.17 25.17
C ALA A 211 -13.63 25.37 24.98
N CYS A 212 -14.26 26.05 25.94
CA CYS A 212 -15.68 26.28 25.84
C CYS A 212 -16.11 27.58 26.52
N ASP A 213 -17.41 27.76 26.77
CA ASP A 213 -17.91 28.99 27.36
C ASP A 213 -17.18 29.41 28.63
N TYR A 214 -17.35 30.68 28.98
CA TYR A 214 -16.72 31.27 30.14
C TYR A 214 -15.21 31.23 29.99
N GLY A 215 -14.77 31.37 28.73
CA GLY A 215 -13.36 31.35 28.42
C GLY A 215 -12.63 30.16 29.00
N THR A 216 -13.34 29.05 29.15
CA THR A 216 -12.75 27.84 29.71
C THR A 216 -11.77 27.27 28.70
N THR A 217 -10.52 27.11 29.14
CA THR A 217 -9.46 26.61 28.30
C THR A 217 -8.75 25.48 29.06
N ASN A 218 -8.82 24.26 28.52
CA ASN A 218 -8.23 23.11 29.19
C ASN A 218 -7.25 22.28 28.35
N ASP A 219 -6.57 21.38 29.05
CA ASP A 219 -5.61 20.50 28.41
C ASP A 219 -5.18 19.44 29.42
N ILE A 220 -5.15 18.19 28.99
CA ILE A 220 -4.71 17.10 29.85
C ILE A 220 -3.69 16.35 29.00
N ALA A 221 -2.57 15.97 29.62
CA ALA A 221 -1.54 15.30 28.86
C ALA A 221 -0.61 14.39 29.65
N VAL A 222 0.11 13.56 28.91
CA VAL A 222 1.09 12.67 29.49
C VAL A 222 2.38 13.18 28.85
N ILE A 223 3.36 13.52 29.67
CA ILE A 223 4.63 14.07 29.18
C ILE A 223 5.83 13.17 29.47
N TRP A 224 6.60 12.89 28.43
CA TRP A 224 7.81 12.09 28.60
C TRP A 224 9.01 13.01 28.46
N PRO A 225 9.59 13.43 29.59
CA PRO A 225 10.77 14.31 29.52
C PRO A 225 12.02 13.50 29.19
N GLU A 226 12.41 13.53 27.93
CA GLU A 226 13.57 12.78 27.45
C GLU A 226 13.46 11.33 27.93
N ASP A 227 14.48 10.80 28.60
CA ASP A 227 14.41 9.43 29.07
C ASP A 227 14.00 9.29 30.53
N ARG A 228 13.32 10.31 31.06
CA ARG A 228 12.86 10.29 32.44
C ARG A 228 11.43 9.77 32.56
N ALA A 229 11.03 9.42 33.78
CA ALA A 229 9.69 8.91 34.05
C ALA A 229 8.62 9.92 33.61
N PRO A 230 7.54 9.43 33.01
CA PRO A 230 6.41 10.21 32.51
C PRO A 230 5.76 11.16 33.51
N LEU A 231 5.27 12.28 33.02
CA LEU A 231 4.57 13.24 33.88
C LEU A 231 3.13 13.27 33.37
N VAL A 232 2.17 13.24 34.29
CA VAL A 232 0.76 13.29 33.92
C VAL A 232 0.31 14.68 34.38
N LEU A 233 -0.17 15.48 33.44
CA LEU A 233 -0.55 16.84 33.76
C LEU A 233 -1.92 17.29 33.28
N VAL A 234 -2.66 17.92 34.19
CA VAL A 234 -3.97 18.46 33.88
C VAL A 234 -3.97 19.94 34.21
N THR A 235 -4.28 20.77 33.20
CA THR A 235 -4.35 22.20 33.40
C THR A 235 -5.73 22.67 32.95
N TYR A 236 -6.55 23.00 33.93
CA TYR A 236 -7.90 23.49 33.70
C TYR A 236 -8.01 24.98 34.03
N PHE A 237 -8.70 25.75 33.18
CA PHE A 237 -8.81 27.18 33.43
C PHE A 237 -10.16 27.73 32.97
N THR A 238 -10.81 28.51 33.82
CA THR A 238 -12.10 29.09 33.47
C THR A 238 -12.18 30.55 33.95
N GLN A 239 -13.03 31.34 33.30
CA GLN A 239 -13.14 32.77 33.64
C GLN A 239 -14.56 33.22 34.03
N PRO A 240 -14.69 34.44 34.58
CA PRO A 240 -15.96 35.05 35.02
C PRO A 240 -17.00 35.38 33.94
N GLN A 241 -16.54 35.84 32.77
CA GLN A 241 -17.44 36.22 31.69
C GLN A 241 -17.73 35.06 30.74
N GLN A 242 -19.02 34.84 30.49
CA GLN A 242 -19.43 33.77 29.60
C GLN A 242 -18.78 33.90 28.23
N ASP A 243 -18.53 35.14 27.81
CA ASP A 243 -17.94 35.40 26.49
C ASP A 243 -16.43 35.68 26.55
N ALA A 244 -15.78 35.27 27.63
CA ALA A 244 -14.34 35.50 27.74
C ALA A 244 -13.56 34.78 26.64
N LYS A 245 -12.41 35.34 26.27
CA LYS A 245 -11.58 34.74 25.24
C LYS A 245 -10.75 33.62 25.85
N TRP A 246 -10.39 32.64 25.04
CA TRP A 246 -9.60 31.52 25.52
C TRP A 246 -8.18 31.94 25.86
N ARG A 247 -7.62 31.31 26.89
CA ARG A 247 -6.27 31.61 27.35
C ARG A 247 -5.35 30.40 27.32
N LYS A 248 -5.00 29.97 26.12
CA LYS A 248 -4.12 28.81 25.97
C LYS A 248 -2.75 29.12 26.53
N ASP A 249 -2.38 30.41 26.52
CA ASP A 249 -1.10 30.87 27.04
C ASP A 249 -1.02 30.68 28.54
N VAL A 250 -2.16 30.68 29.21
CA VAL A 250 -2.20 30.48 30.65
C VAL A 250 -1.82 29.03 30.97
N LEU A 251 -2.28 28.09 30.16
CA LEU A 251 -1.98 26.68 30.40
C LEU A 251 -0.50 26.43 30.12
N ALA A 252 0.02 27.10 29.09
CA ALA A 252 1.42 26.95 28.71
C ALA A 252 2.31 27.42 29.87
N ALA A 253 1.93 28.55 30.46
CA ALA A 253 2.68 29.13 31.58
C ALA A 253 2.63 28.17 32.76
N ALA A 254 1.44 27.67 33.04
CA ALA A 254 1.27 26.74 34.16
C ALA A 254 2.13 25.51 33.93
N ALA A 255 2.13 25.01 32.69
CA ALA A 255 2.91 23.81 32.35
C ALA A 255 4.39 24.05 32.57
N LYS A 256 4.89 25.19 32.14
CA LYS A 256 6.30 25.52 32.31
C LYS A 256 6.63 25.56 33.79
N ILE A 257 5.78 26.25 34.55
CA ILE A 257 5.96 26.38 35.98
C ILE A 257 6.10 25.05 36.72
N VAL A 258 5.21 24.11 36.45
CA VAL A 258 5.27 22.84 37.15
C VAL A 258 6.23 21.79 36.58
N THR A 259 6.58 21.89 35.30
CA THR A 259 7.49 20.91 34.70
C THR A 259 8.92 21.40 34.55
N GLU A 260 9.18 22.66 34.88
CA GLU A 260 10.54 23.17 34.75
C GLU A 260 11.50 22.34 35.59
N GLY A 261 12.56 21.86 34.98
CA GLY A 261 13.54 21.07 35.71
C GLY A 261 13.20 19.59 35.93
N LYS A 262 12.14 19.10 35.30
CA LYS A 262 11.75 17.71 35.45
C LYS A 262 12.41 16.86 34.37
N VAL B 1 10.14 -2.97 2.12
CA VAL B 1 11.60 -2.82 2.06
C VAL B 1 12.32 -4.15 2.24
N GLN B 2 12.76 -4.75 1.13
CA GLN B 2 13.55 -5.96 1.26
C GLN B 2 15.04 -5.60 1.09
N GLN B 3 15.28 -4.38 0.61
CA GLN B 3 16.66 -3.90 0.43
C GLN B 3 17.30 -3.95 1.82
N VAL B 4 16.41 -4.11 2.80
CA VAL B 4 16.72 -4.25 4.24
C VAL B 4 17.44 -5.55 4.48
N GLN B 5 16.93 -6.55 3.80
CA GLN B 5 17.46 -7.91 3.88
C GLN B 5 18.83 -8.02 3.22
N LYS B 6 18.98 -7.38 2.07
CA LYS B 6 20.24 -7.40 1.34
C LYS B 6 21.33 -6.73 2.18
N LYS B 7 20.96 -5.63 2.82
CA LYS B 7 21.90 -4.88 3.66
C LYS B 7 22.33 -5.69 4.89
N LEU B 8 21.39 -6.41 5.50
CA LEU B 8 21.70 -7.23 6.67
C LEU B 8 22.61 -8.39 6.29
N ALA B 9 22.30 -9.03 5.16
CA ALA B 9 23.12 -10.13 4.69
C ALA B 9 24.53 -9.63 4.42
N ALA B 10 24.63 -8.44 3.82
CA ALA B 10 25.93 -7.86 3.53
C ALA B 10 26.68 -7.60 4.83
N LEU B 11 25.99 -7.03 5.82
CA LEU B 11 26.60 -6.74 7.11
C LEU B 11 27.14 -8.04 7.75
N GLU B 12 26.30 -9.07 7.81
CA GLU B 12 26.71 -10.35 8.39
C GLU B 12 27.99 -10.88 7.73
N LYS B 13 28.02 -10.86 6.40
CA LYS B 13 29.19 -11.34 5.66
C LYS B 13 30.45 -10.56 6.04
N GLN B 14 30.34 -9.23 6.07
CA GLN B 14 31.46 -8.36 6.41
C GLN B 14 31.95 -8.57 7.84
N SER B 15 31.05 -9.00 8.72
CA SER B 15 31.35 -9.21 10.13
C SER B 15 32.07 -10.52 10.41
N GLY B 16 31.91 -11.49 9.52
CA GLY B 16 32.56 -12.78 9.71
C GLY B 16 31.81 -13.66 10.70
N GLY B 17 30.69 -13.18 11.23
CA GLY B 17 29.93 -13.96 12.20
C GLY B 17 28.51 -14.32 11.81
N ARG B 18 27.67 -14.59 12.80
CA ARG B 18 26.26 -14.94 12.57
C ARG B 18 25.39 -13.87 13.22
N LEU B 19 24.60 -13.19 12.40
CA LEU B 19 23.74 -12.11 12.86
C LEU B 19 22.27 -12.50 13.00
N GLY B 20 21.67 -12.12 14.12
CA GLY B 20 20.27 -12.42 14.36
C GLY B 20 19.53 -11.13 14.68
N VAL B 21 18.50 -10.83 13.91
CA VAL B 21 17.74 -9.59 14.13
C VAL B 21 16.23 -9.77 14.08
N ALA B 22 15.56 -9.14 15.04
CA ALA B 22 14.11 -9.17 15.10
C ALA B 22 13.62 -7.79 15.51
N LEU B 23 12.91 -7.13 14.60
CA LEU B 23 12.35 -5.82 14.86
C LEU B 23 10.84 -5.91 14.80
N ILE B 24 10.17 -5.45 15.85
CA ILE B 24 8.71 -5.45 15.88
C ILE B 24 8.27 -4.00 15.98
N ASN B 25 7.52 -3.56 14.97
CA ASN B 25 7.01 -2.19 14.92
C ASN B 25 5.60 -2.25 15.49
N THR B 26 5.40 -1.71 16.69
CA THR B 26 4.09 -1.77 17.32
C THR B 26 3.04 -0.91 16.64
N ALA B 27 3.46 -0.11 15.67
CA ALA B 27 2.52 0.75 14.97
C ALA B 27 1.54 -0.10 14.16
N ASP B 28 2.06 -1.15 13.53
CA ASP B 28 1.25 -2.02 12.69
C ASP B 28 1.60 -3.49 12.89
N ASN B 29 2.37 -3.76 13.93
CA ASN B 29 2.81 -5.12 14.25
C ASN B 29 3.64 -5.78 13.14
N SER B 30 4.15 -4.99 12.20
CA SER B 30 4.98 -5.55 11.14
C SER B 30 6.31 -5.95 11.75
N GLN B 31 7.04 -6.82 11.07
CA GLN B 31 8.32 -7.28 11.60
C GLN B 31 9.43 -7.32 10.54
N VAL B 32 10.66 -7.16 11.00
CA VAL B 32 11.84 -7.24 10.13
C VAL B 32 12.63 -8.40 10.73
N LEU B 33 12.81 -9.47 9.98
CA LEU B 33 13.49 -10.66 10.49
C LEU B 33 14.73 -11.13 9.73
N TYR B 34 15.73 -11.60 10.48
CA TYR B 34 16.95 -12.13 9.92
C TYR B 34 17.45 -13.19 10.91
N ARG B 35 17.33 -14.46 10.53
CA ARG B 35 17.71 -15.58 11.38
C ARG B 35 16.97 -15.41 12.71
N ALA B 36 15.78 -14.83 12.63
CA ALA B 36 14.96 -14.55 13.81
C ALA B 36 14.46 -15.77 14.57
N ASP B 37 14.48 -16.94 13.95
CA ASP B 37 14.04 -18.15 14.64
C ASP B 37 15.21 -19.00 15.10
N GLU B 38 16.44 -18.55 14.82
CA GLU B 38 17.64 -19.28 15.22
C GLU B 38 17.98 -18.97 16.68
N ARG B 39 18.67 -19.89 17.34
CA ARG B 39 19.05 -19.69 18.74
C ARG B 39 20.42 -19.03 18.86
N PHE B 40 20.55 -18.15 19.85
CA PHE B 40 21.81 -17.47 20.13
C PHE B 40 21.95 -17.46 21.65
N ALA B 41 23.18 -17.45 22.15
CA ALA B 41 23.39 -17.39 23.59
C ALA B 41 22.95 -15.99 24.01
N MET B 42 22.19 -15.90 25.10
CA MET B 42 21.67 -14.62 25.59
C MET B 42 22.65 -13.72 26.33
N CYS B 43 23.66 -14.33 26.98
CA CYS B 43 24.59 -13.57 27.79
C CYS B 43 23.81 -12.78 28.81
N SER B 44 24.19 -11.53 29.07
CA SER B 44 23.49 -10.72 30.05
C SER B 44 22.08 -10.27 29.67
N THR B 45 21.66 -10.48 28.42
CA THR B 45 20.32 -10.04 28.07
C THR B 45 19.27 -10.82 28.84
N SER B 46 19.63 -12.02 29.30
CA SER B 46 18.70 -12.84 30.06
C SER B 46 18.38 -12.18 31.41
N LYS B 47 19.14 -11.15 31.75
CA LYS B 47 18.91 -10.45 33.02
C LYS B 47 17.59 -9.69 33.01
N VAL B 48 17.08 -9.39 31.82
CA VAL B 48 15.80 -8.69 31.72
C VAL B 48 14.68 -9.63 32.17
N MET B 49 14.68 -10.84 31.64
CA MET B 49 13.65 -11.81 31.99
C MET B 49 13.72 -12.10 33.48
N THR B 50 14.95 -12.10 34.01
CA THR B 50 15.18 -12.38 35.43
C THR B 50 14.63 -11.30 36.36
N ALA B 51 14.93 -10.05 36.07
CA ALA B 51 14.45 -8.95 36.90
C ALA B 51 12.94 -8.84 36.76
N ALA B 52 12.43 -9.18 35.58
CA ALA B 52 10.99 -9.11 35.34
C ALA B 52 10.26 -10.17 36.18
N ALA B 53 10.91 -11.30 36.38
CA ALA B 53 10.34 -12.39 37.17
C ALA B 53 10.16 -11.90 38.60
N VAL B 54 11.13 -11.15 39.09
CA VAL B 54 11.07 -10.60 40.43
C VAL B 54 9.97 -9.54 40.49
N LEU B 55 9.87 -8.69 39.48
CA LEU B 55 8.83 -7.67 39.44
C LEU B 55 7.46 -8.35 39.49
N LYS B 56 7.32 -9.46 38.78
CA LYS B 56 6.06 -10.21 38.74
C LYS B 56 5.65 -10.62 40.16
N GLN B 57 6.61 -11.10 40.95
CA GLN B 57 6.31 -11.51 42.32
C GLN B 57 5.80 -10.35 43.16
N SER B 58 6.32 -9.15 42.91
CA SER B 58 5.92 -7.97 43.66
C SER B 58 4.45 -7.61 43.43
N GLU B 59 3.84 -8.24 42.42
CA GLU B 59 2.44 -7.99 42.12
C GLU B 59 1.56 -8.68 43.15
N THR B 60 2.04 -9.80 43.68
CA THR B 60 1.29 -10.56 44.68
C THR B 60 1.82 -10.31 46.09
N HIS B 61 3.14 -10.40 46.24
CA HIS B 61 3.76 -10.20 47.54
C HIS B 61 4.21 -8.76 47.77
N ASP B 62 3.38 -8.01 48.47
CA ASP B 62 3.65 -6.61 48.76
C ASP B 62 4.98 -6.38 49.46
N GLY B 63 5.70 -5.37 49.00
CA GLY B 63 6.98 -5.01 49.59
C GLY B 63 8.13 -5.99 49.42
N ILE B 64 7.98 -6.98 48.55
CA ILE B 64 9.04 -7.95 48.35
C ILE B 64 10.27 -7.30 47.72
N LEU B 65 10.07 -6.23 46.96
CA LEU B 65 11.18 -5.53 46.32
C LEU B 65 12.10 -4.93 47.37
N GLN B 66 11.62 -4.87 48.60
CA GLN B 66 12.40 -4.34 49.71
C GLN B 66 13.03 -5.44 50.55
N GLN B 67 12.81 -6.70 50.18
CA GLN B 67 13.41 -7.80 50.94
C GLN B 67 14.91 -7.67 50.76
N LYS B 68 15.67 -7.98 51.80
CA LYS B 68 17.11 -7.85 51.76
C LYS B 68 17.87 -9.16 51.56
N MET B 69 19.09 -9.03 51.02
CA MET B 69 19.96 -10.16 50.79
C MET B 69 21.37 -9.70 51.15
N THR B 70 22.09 -10.52 51.91
CA THR B 70 23.45 -10.16 52.31
C THR B 70 24.43 -10.45 51.18
N ILE B 71 25.37 -9.53 50.99
CA ILE B 71 26.40 -9.68 49.98
C ILE B 71 27.71 -10.03 50.69
N LYS B 72 28.23 -11.21 50.41
CA LYS B 72 29.47 -11.67 51.02
C LYS B 72 30.59 -11.78 50.01
N LYS B 73 31.82 -11.75 50.50
CA LYS B 73 32.99 -11.86 49.64
C LYS B 73 32.87 -13.09 48.73
N ALA B 74 32.31 -14.15 49.28
CA ALA B 74 32.14 -15.41 48.55
C ALA B 74 31.09 -15.30 47.44
N ASP B 75 30.26 -14.27 47.47
CA ASP B 75 29.23 -14.08 46.47
C ASP B 75 29.76 -13.45 45.19
N LEU B 76 30.82 -12.67 45.32
CA LEU B 76 31.40 -11.97 44.17
C LEU B 76 31.77 -12.87 43.00
N THR B 77 31.60 -12.33 41.80
CA THR B 77 31.91 -13.06 40.57
C THR B 77 32.94 -12.30 39.74
N ASN B 78 32.82 -12.35 38.42
CA ASN B 78 33.77 -11.67 37.55
C ASN B 78 33.41 -10.23 37.19
N TRP B 79 32.23 -9.78 37.58
CA TRP B 79 31.80 -8.42 37.28
C TRP B 79 30.83 -7.96 38.37
N ASN B 80 31.37 -7.21 39.33
CA ASN B 80 30.57 -6.74 40.46
C ASN B 80 30.70 -5.24 40.69
N PRO B 81 30.39 -4.43 39.67
CA PRO B 81 30.48 -2.97 39.81
C PRO B 81 29.72 -2.36 40.99
N VAL B 82 28.57 -2.91 41.32
CA VAL B 82 27.77 -2.38 42.42
C VAL B 82 27.87 -3.24 43.68
N THR B 83 27.65 -4.54 43.53
CA THR B 83 27.68 -5.44 44.67
C THR B 83 28.98 -5.44 45.47
N GLU B 84 30.10 -5.17 44.80
CA GLU B 84 31.39 -5.15 45.48
C GLU B 84 31.47 -4.01 46.49
N LYS B 85 30.54 -3.05 46.37
CA LYS B 85 30.51 -1.93 47.29
C LYS B 85 29.67 -2.27 48.52
N TYR B 86 29.01 -3.43 48.49
CA TYR B 86 28.16 -3.85 49.60
C TYR B 86 28.60 -5.11 50.32
N VAL B 87 29.80 -5.60 50.00
CA VAL B 87 30.30 -6.80 50.67
C VAL B 87 30.30 -6.53 52.16
N GLY B 88 29.61 -7.38 52.92
CA GLY B 88 29.53 -7.20 54.36
C GLY B 88 28.25 -6.50 54.74
N ASN B 89 27.42 -6.20 53.74
CA ASN B 89 26.15 -5.53 53.97
C ASN B 89 25.02 -6.20 53.19
N THR B 90 23.87 -5.53 53.13
CA THR B 90 22.71 -6.06 52.42
C THR B 90 22.23 -5.12 51.32
N MET B 91 21.52 -5.70 50.36
CA MET B 91 20.94 -4.95 49.26
C MET B 91 19.51 -5.45 49.08
N THR B 92 18.61 -4.56 48.70
CA THR B 92 17.22 -4.97 48.48
C THR B 92 17.10 -5.56 47.10
N LEU B 93 16.04 -6.34 46.88
CA LEU B 93 15.85 -6.96 45.57
C LEU B 93 15.79 -5.87 44.51
N ALA B 94 15.21 -4.72 44.89
CA ALA B 94 15.10 -3.59 43.99
C ALA B 94 16.49 -3.11 43.60
N GLU B 95 17.34 -2.88 44.60
CA GLU B 95 18.71 -2.42 44.36
C GLU B 95 19.45 -3.44 43.52
N LEU B 96 19.26 -4.72 43.84
CA LEU B 96 19.90 -5.80 43.11
C LEU B 96 19.43 -5.80 41.65
N SER B 97 18.13 -5.59 41.44
CA SER B 97 17.57 -5.56 40.11
C SER B 97 18.16 -4.41 39.30
N ALA B 98 18.21 -3.23 39.90
CA ALA B 98 18.76 -2.05 39.23
C ALA B 98 20.24 -2.25 38.90
N ALA B 99 20.96 -2.89 39.82
CA ALA B 99 22.39 -3.15 39.63
C ALA B 99 22.65 -4.10 38.46
N THR B 100 21.86 -5.15 38.36
CA THR B 100 22.07 -6.12 37.29
C THR B 100 21.61 -5.61 35.92
N LEU B 101 20.59 -4.77 35.90
CA LEU B 101 20.08 -4.23 34.66
C LEU B 101 20.85 -3.04 34.09
N GLN B 102 21.26 -2.12 34.96
CA GLN B 102 21.93 -0.91 34.52
C GLN B 102 23.46 -0.98 34.51
N TYR B 103 24.02 -1.91 35.28
CA TYR B 103 25.47 -2.07 35.32
C TYR B 103 25.86 -3.51 34.98
N SER B 104 24.86 -4.31 34.65
CA SER B 104 25.04 -5.72 34.30
C SER B 104 25.85 -6.45 35.37
N ASP B 105 25.57 -6.13 36.63
CA ASP B 105 26.26 -6.74 37.76
C ASP B 105 25.91 -8.23 37.86
N ASN B 106 26.92 -9.09 37.69
CA ASN B 106 26.73 -10.54 37.74
C ASN B 106 26.36 -11.10 39.10
N THR B 107 27.01 -10.60 40.15
CA THR B 107 26.70 -11.06 41.49
C THR B 107 25.24 -10.75 41.79
N ALA B 108 24.81 -9.57 41.38
CA ALA B 108 23.43 -9.14 41.59
C ALA B 108 22.51 -10.14 40.91
N MET B 109 22.85 -10.49 39.66
CA MET B 109 22.08 -11.45 38.89
C MET B 109 21.95 -12.76 39.68
N ASN B 110 23.07 -13.28 40.16
CA ASN B 110 23.04 -14.53 40.91
C ASN B 110 22.22 -14.43 42.19
N LYS B 111 22.23 -13.27 42.84
CA LYS B 111 21.43 -13.10 44.05
C LYS B 111 19.95 -13.21 43.70
N LEU B 112 19.56 -12.59 42.59
CA LEU B 112 18.18 -12.65 42.15
C LEU B 112 17.80 -14.08 41.78
N LEU B 113 18.72 -14.78 41.10
CA LEU B 113 18.48 -16.18 40.74
C LEU B 113 18.26 -17.01 42.00
N ALA B 114 19.08 -16.75 43.01
CA ALA B 114 18.97 -17.47 44.27
C ALA B 114 17.60 -17.21 44.87
N HIS B 115 17.19 -15.94 44.87
CA HIS B 115 15.89 -15.56 45.42
C HIS B 115 14.74 -16.27 44.71
N LEU B 116 14.80 -16.32 43.39
CA LEU B 116 13.75 -16.93 42.58
C LEU B 116 13.74 -18.45 42.62
N GLY B 117 14.82 -19.04 43.12
CA GLY B 117 14.88 -20.49 43.18
C GLY B 117 15.64 -21.10 42.03
N GLY B 118 16.34 -20.29 41.25
CA GLY B 118 17.13 -20.81 40.14
C GLY B 118 16.71 -20.46 38.72
N PRO B 119 17.59 -20.70 37.75
CA PRO B 119 17.36 -20.42 36.32
C PRO B 119 16.06 -21.03 35.82
N GLY B 120 15.78 -22.25 36.27
CA GLY B 120 14.57 -22.93 35.88
C GLY B 120 13.31 -22.14 36.16
N ASN B 121 13.30 -21.36 37.24
CA ASN B 121 12.12 -20.57 37.56
C ASN B 121 12.02 -19.32 36.68
N VAL B 122 13.14 -18.89 36.11
CA VAL B 122 13.11 -17.74 35.22
C VAL B 122 12.53 -18.25 33.90
N THR B 123 12.90 -19.47 33.56
CA THR B 123 12.40 -20.09 32.34
C THR B 123 10.88 -20.28 32.48
N ALA B 124 10.45 -20.62 33.70
CA ALA B 124 9.03 -20.81 33.96
C ALA B 124 8.28 -19.50 33.75
N PHE B 125 8.90 -18.39 34.18
CA PHE B 125 8.27 -17.08 34.02
C PHE B 125 8.18 -16.72 32.54
N ALA B 126 9.23 -17.03 31.79
CA ALA B 126 9.24 -16.74 30.36
C ALA B 126 8.06 -17.49 29.76
N ARG B 127 7.91 -18.75 30.12
CA ARG B 127 6.79 -19.53 29.60
C ARG B 127 5.46 -18.95 30.05
N SER B 128 5.40 -18.38 31.25
CA SER B 128 4.16 -17.82 31.72
C SER B 128 3.70 -16.61 30.89
N ILE B 129 4.61 -16.03 30.08
CA ILE B 129 4.23 -14.90 29.24
C ILE B 129 4.21 -15.31 27.77
N GLY B 130 4.10 -16.62 27.53
CA GLY B 130 4.04 -17.13 26.17
C GLY B 130 5.33 -17.40 25.43
N ASP B 131 6.46 -17.38 26.13
CA ASP B 131 7.76 -17.62 25.50
C ASP B 131 8.20 -19.06 25.74
N THR B 132 8.15 -19.89 24.70
CA THR B 132 8.55 -21.29 24.84
C THR B 132 9.91 -21.56 24.22
N THR B 133 10.60 -20.50 23.84
CA THR B 133 11.92 -20.63 23.22
C THR B 133 13.01 -20.37 24.25
N PHE B 134 12.77 -19.37 25.09
CA PHE B 134 13.71 -18.97 26.14
C PHE B 134 14.01 -20.09 27.13
N ARG B 135 15.28 -20.21 27.51
CA ARG B 135 15.70 -21.21 28.49
C ARG B 135 16.95 -20.75 29.23
N LEU B 136 16.84 -20.64 30.55
CA LEU B 136 17.99 -20.26 31.36
C LEU B 136 18.37 -21.52 32.10
N ASP B 137 19.57 -22.02 31.83
CA ASP B 137 20.03 -23.27 32.43
C ASP B 137 21.08 -23.12 33.52
N ARG B 138 21.90 -22.08 33.44
CA ARG B 138 22.95 -21.90 34.42
C ARG B 138 23.00 -20.52 35.05
N LYS B 139 23.83 -20.38 36.09
CA LYS B 139 24.00 -19.13 36.78
C LYS B 139 25.25 -18.44 36.25
N GLU B 140 25.56 -17.27 36.81
CA GLU B 140 26.76 -16.55 36.40
C GLU B 140 27.95 -17.21 37.09
N PRO B 141 29.07 -17.34 36.37
CA PRO B 141 29.23 -16.87 34.99
C PRO B 141 29.20 -18.00 33.95
N GLU B 142 28.80 -19.20 34.35
CA GLU B 142 28.78 -20.33 33.41
C GLU B 142 27.80 -20.16 32.26
N LEU B 143 26.76 -19.35 32.45
CA LEU B 143 25.77 -19.15 31.40
C LEU B 143 26.33 -18.37 30.22
N ASN B 144 27.58 -17.95 30.30
CA ASN B 144 28.19 -17.19 29.22
C ASN B 144 29.12 -17.97 28.27
N THR B 145 29.12 -19.29 28.36
CA THR B 145 30.00 -20.07 27.48
C THR B 145 29.69 -19.90 25.99
N ALA B 146 28.41 -19.70 25.68
CA ALA B 146 27.98 -19.49 24.30
C ALA B 146 28.57 -20.45 23.28
N ILE B 147 28.67 -21.72 23.65
CA ILE B 147 29.23 -22.72 22.76
C ILE B 147 28.35 -23.00 21.54
N PRO B 148 28.92 -22.91 20.33
CA PRO B 148 28.18 -23.15 19.10
C PRO B 148 27.45 -24.50 19.14
N GLY B 149 26.15 -24.47 18.87
CA GLY B 149 25.36 -25.70 18.87
C GLY B 149 24.75 -26.05 20.22
N ASP B 150 25.23 -25.40 21.28
CA ASP B 150 24.73 -25.63 22.63
C ASP B 150 23.47 -24.79 22.82
N GLU B 151 22.37 -25.43 23.21
CA GLU B 151 21.11 -24.71 23.40
C GLU B 151 20.89 -24.17 24.79
N ARG B 152 21.80 -24.45 25.70
CA ARG B 152 21.67 -23.94 27.05
C ARG B 152 21.78 -22.41 27.03
N ASP B 153 20.96 -21.77 27.86
CA ASP B 153 20.94 -20.31 27.99
C ASP B 153 20.82 -19.58 26.66
N THR B 154 19.89 -20.02 25.82
CA THR B 154 19.69 -19.39 24.52
C THR B 154 18.22 -19.06 24.28
N THR B 155 17.99 -18.31 23.20
CA THR B 155 16.66 -17.96 22.75
C THR B 155 16.79 -17.47 21.31
N SER B 156 15.67 -17.12 20.69
CA SER B 156 15.74 -16.62 19.32
C SER B 156 15.46 -15.13 19.36
N PRO B 157 15.93 -14.40 18.34
CA PRO B 157 15.71 -12.95 18.31
C PRO B 157 14.22 -12.60 18.39
N LEU B 158 13.40 -13.30 17.62
CA LEU B 158 11.97 -13.04 17.60
C LEU B 158 11.28 -13.38 18.92
N ALA B 159 11.66 -14.49 19.54
CA ALA B 159 11.03 -14.86 20.81
C ALA B 159 11.39 -13.82 21.88
N MET B 160 12.63 -13.36 21.87
CA MET B 160 13.03 -12.36 22.87
C MET B 160 12.36 -11.03 22.58
N ALA B 161 12.22 -10.71 21.29
CA ALA B 161 11.58 -9.46 20.90
C ALA B 161 10.12 -9.44 21.34
N LYS B 162 9.43 -10.57 21.19
CA LYS B 162 8.04 -10.65 21.60
C LYS B 162 7.90 -10.56 23.12
N SER B 163 8.80 -11.23 23.84
CA SER B 163 8.75 -11.17 25.29
C SER B 163 9.04 -9.76 25.81
N LEU B 164 10.05 -9.11 25.25
CA LEU B 164 10.40 -7.75 25.66
C LEU B 164 9.21 -6.83 25.38
N ARG B 165 8.48 -7.11 24.31
CA ARG B 165 7.32 -6.30 23.99
C ARG B 165 6.22 -6.46 25.04
N LYS B 166 5.93 -7.71 25.38
CA LYS B 166 4.90 -8.00 26.38
C LYS B 166 5.26 -7.46 27.75
N LEU B 167 6.55 -7.49 28.07
CA LEU B 167 7.04 -7.01 29.37
C LEU B 167 7.06 -5.48 29.54
N THR B 168 7.43 -4.76 28.49
CA THR B 168 7.53 -3.31 28.56
C THR B 168 6.34 -2.51 28.04
N LEU B 169 5.57 -3.09 27.13
CA LEU B 169 4.42 -2.41 26.55
C LEU B 169 3.11 -3.18 26.72
N GLY B 170 3.20 -4.50 26.80
CA GLY B 170 2.03 -5.33 26.94
C GLY B 170 1.53 -5.53 28.36
N ASP B 171 0.81 -6.64 28.59
CA ASP B 171 0.25 -6.91 29.91
C ASP B 171 0.90 -8.04 30.69
N ALA B 172 2.13 -8.38 30.36
CA ALA B 172 2.83 -9.44 31.08
C ALA B 172 3.04 -9.01 32.53
N LEU B 173 3.24 -7.71 32.72
CA LEU B 173 3.45 -7.13 34.05
C LEU B 173 2.36 -6.12 34.36
N ALA B 174 2.09 -5.89 35.65
CA ALA B 174 1.08 -4.92 36.06
C ALA B 174 1.67 -3.52 35.86
N GLY B 175 0.81 -2.50 35.86
CA GLY B 175 1.24 -1.14 35.66
C GLY B 175 2.49 -0.64 36.39
N PRO B 176 2.49 -0.67 37.73
CA PRO B 176 3.65 -0.21 38.50
C PRO B 176 4.93 -0.97 38.14
N GLN B 177 4.81 -2.29 38.01
CA GLN B 177 5.95 -3.13 37.68
C GLN B 177 6.48 -2.82 36.28
N ARG B 178 5.57 -2.66 35.33
CA ARG B 178 5.94 -2.36 33.96
C ARG B 178 6.71 -1.04 33.88
N ALA B 179 6.24 -0.04 34.62
CA ALA B 179 6.87 1.27 34.64
C ALA B 179 8.28 1.21 35.20
N GLN B 180 8.47 0.37 36.21
CA GLN B 180 9.77 0.23 36.83
C GLN B 180 10.75 -0.47 35.89
N LEU B 181 10.28 -1.45 35.12
CA LEU B 181 11.15 -2.15 34.19
C LEU B 181 11.59 -1.18 33.10
N VAL B 182 10.63 -0.42 32.59
CA VAL B 182 10.93 0.55 31.54
C VAL B 182 11.94 1.58 32.04
N ASP B 183 11.74 2.06 33.26
CA ASP B 183 12.64 3.04 33.84
C ASP B 183 14.05 2.47 33.99
N TRP B 184 14.16 1.23 34.48
CA TRP B 184 15.46 0.62 34.62
C TRP B 184 16.16 0.49 33.29
N LEU B 185 15.46 -0.05 32.31
CA LEU B 185 16.01 -0.23 30.98
C LEU B 185 16.52 1.08 30.40
N LYS B 186 15.74 2.15 30.57
CA LYS B 186 16.12 3.46 30.07
C LYS B 186 17.38 3.97 30.75
N GLY B 187 17.60 3.52 31.99
CA GLY B 187 18.77 3.96 32.72
C GLY B 187 19.98 3.07 32.56
N ASN B 188 19.97 2.21 31.54
CA ASN B 188 21.12 1.34 31.31
C ASN B 188 22.32 2.22 30.97
N THR B 189 23.46 1.94 31.58
CA THR B 189 24.67 2.73 31.35
C THR B 189 25.70 2.04 30.44
N THR B 190 25.40 0.84 29.98
CA THR B 190 26.35 0.10 29.16
C THR B 190 26.01 -0.06 27.68
N GLY B 191 24.95 0.59 27.22
CA GLY B 191 24.56 0.43 25.83
C GLY B 191 24.91 1.50 24.82
N GLY B 192 25.76 2.44 25.21
CA GLY B 192 26.13 3.53 24.31
C GLY B 192 26.68 3.16 22.94
N GLN B 193 27.44 2.07 22.85
CA GLN B 193 28.03 1.66 21.57
C GLN B 193 27.26 0.59 20.80
N SER B 194 26.09 0.21 21.30
CA SER B 194 25.33 -0.83 20.63
C SER B 194 24.17 -0.27 19.84
N ILE B 195 22.98 -0.85 20.03
CA ILE B 195 21.80 -0.39 19.30
C ILE B 195 21.67 1.13 19.35
N ARG B 196 21.93 1.72 20.52
CA ARG B 196 21.83 3.17 20.66
C ARG B 196 22.70 3.92 19.66
N ALA B 197 23.92 3.46 19.47
CA ALA B 197 24.84 4.12 18.54
C ALA B 197 24.31 4.13 17.10
N GLY B 198 23.32 3.29 16.80
CA GLY B 198 22.80 3.26 15.45
C GLY B 198 21.47 3.98 15.28
N LEU B 199 21.06 4.71 16.30
CA LEU B 199 19.77 5.41 16.24
C LEU B 199 19.91 6.91 16.38
N PRO B 200 18.88 7.65 15.93
CA PRO B 200 18.92 9.12 16.04
C PRO B 200 19.10 9.42 17.53
N ALA B 201 20.02 10.33 17.87
CA ALA B 201 20.32 10.67 19.26
C ALA B 201 19.16 11.07 20.17
N HIS B 202 18.12 11.70 19.62
CA HIS B 202 16.99 12.13 20.44
C HIS B 202 15.93 11.05 20.68
N TRP B 203 16.06 9.89 20.03
CA TRP B 203 15.09 8.83 20.28
C TRP B 203 15.31 8.32 21.69
N VAL B 204 14.23 7.97 22.38
CA VAL B 204 14.30 7.46 23.74
C VAL B 204 14.41 5.95 23.69
N VAL B 205 15.32 5.39 24.48
CA VAL B 205 15.56 3.95 24.43
C VAL B 205 15.76 3.27 25.77
N GLY B 206 15.23 2.05 25.86
CA GLY B 206 15.39 1.24 27.04
C GLY B 206 16.08 -0.01 26.51
N ASP B 207 17.22 -0.38 27.08
CA ASP B 207 17.90 -1.57 26.57
C ASP B 207 18.75 -2.32 27.58
N LYS B 208 19.17 -3.51 27.19
CA LYS B 208 20.05 -4.33 28.01
C LYS B 208 21.01 -5.01 27.06
N THR B 209 22.29 -4.69 27.20
CA THR B 209 23.32 -5.27 26.35
C THR B 209 23.80 -6.60 26.89
N GLY B 210 24.66 -7.25 26.12
CA GLY B 210 25.21 -8.53 26.51
C GLY B 210 26.41 -8.88 25.67
N ALA B 211 27.41 -9.47 26.30
CA ALA B 211 28.60 -9.88 25.60
C ALA B 211 29.23 -11.05 26.34
N CYS B 212 29.56 -12.10 25.60
CA CYS B 212 30.19 -13.25 26.21
C CYS B 212 31.09 -14.00 25.24
N ASP B 213 31.43 -15.24 25.56
CA ASP B 213 32.34 -16.01 24.71
C ASP B 213 31.93 -16.10 23.25
N TYR B 214 32.88 -16.50 22.41
CA TYR B 214 32.68 -16.63 20.97
C TYR B 214 32.30 -15.29 20.37
N GLY B 215 32.88 -14.23 20.94
CA GLY B 215 32.62 -12.89 20.48
C GLY B 215 31.15 -12.51 20.43
N THR B 216 30.34 -13.23 21.19
CA THR B 216 28.90 -12.97 21.23
C THR B 216 28.60 -11.58 21.77
N THR B 217 27.95 -10.77 20.95
CA THR B 217 27.62 -9.40 21.33
C THR B 217 26.12 -9.20 21.11
N ASN B 218 25.40 -8.91 22.19
CA ASN B 218 23.96 -8.74 22.12
C ASN B 218 23.44 -7.43 22.67
N ASP B 219 22.16 -7.19 22.39
CA ASP B 219 21.47 -6.00 22.85
C ASP B 219 20.00 -6.16 22.49
N ILE B 220 19.12 -5.81 23.41
CA ILE B 220 17.67 -5.89 23.17
C ILE B 220 17.11 -4.56 23.66
N ALA B 221 16.26 -3.94 22.85
CA ALA B 221 15.73 -2.65 23.23
C ALA B 221 14.31 -2.35 22.80
N VAL B 222 13.74 -1.42 23.54
CA VAL B 222 12.43 -0.87 23.28
C VAL B 222 12.75 0.57 22.84
N ILE B 223 12.34 0.95 21.63
CA ILE B 223 12.68 2.26 21.09
C ILE B 223 11.49 3.16 20.80
N TRP B 224 11.55 4.41 21.26
CA TRP B 224 10.48 5.38 21.04
C TRP B 224 10.98 6.46 20.07
N PRO B 225 10.62 6.33 18.78
CA PRO B 225 11.05 7.31 17.77
C PRO B 225 10.18 8.56 17.82
N GLU B 226 10.68 9.60 18.51
CA GLU B 226 9.93 10.84 18.66
C GLU B 226 8.54 10.50 19.21
N ASP B 227 7.49 10.89 18.50
CA ASP B 227 6.13 10.62 18.96
C ASP B 227 5.45 9.47 18.21
N ARG B 228 6.24 8.67 17.51
CA ARG B 228 5.71 7.53 16.77
C ARG B 228 5.63 6.30 17.68
N ALA B 229 4.90 5.28 17.23
CA ALA B 229 4.73 4.05 17.99
C ALA B 229 6.06 3.37 18.26
N PRO B 230 6.24 2.86 19.48
CA PRO B 230 7.47 2.17 19.91
C PRO B 230 7.90 1.02 19.02
N LEU B 231 9.21 0.80 18.97
CA LEU B 231 9.79 -0.29 18.20
C LEU B 231 10.45 -1.22 19.21
N VAL B 232 10.42 -2.52 18.94
CA VAL B 232 11.06 -3.48 19.82
C VAL B 232 12.11 -4.14 18.94
N LEU B 233 13.38 -4.04 19.33
CA LEU B 233 14.46 -4.59 18.54
C LEU B 233 15.45 -5.46 19.32
N VAL B 234 15.76 -6.62 18.73
CA VAL B 234 16.71 -7.54 19.31
C VAL B 234 17.79 -7.77 18.27
N THR B 235 19.04 -7.52 18.65
CA THR B 235 20.16 -7.75 17.76
C THR B 235 21.14 -8.67 18.47
N TYR B 236 21.26 -9.85 17.92
CA TYR B 236 22.16 -10.87 18.48
C TYR B 236 23.29 -11.16 17.48
N PHE B 237 24.51 -11.33 17.97
CA PHE B 237 25.62 -11.61 17.08
C PHE B 237 26.63 -12.50 17.77
N THR B 238 27.13 -13.49 17.04
CA THR B 238 28.09 -14.40 17.62
C THR B 238 29.12 -14.77 16.53
N GLN B 239 30.30 -15.21 16.95
CA GLN B 239 31.36 -15.53 16.01
C GLN B 239 31.93 -16.95 16.14
N PRO B 240 32.73 -17.39 15.15
CA PRO B 240 33.36 -18.72 15.11
C PRO B 240 34.45 -19.01 16.14
N GLN B 241 35.22 -17.99 16.50
CA GLN B 241 36.31 -18.14 17.45
C GLN B 241 35.87 -17.94 18.89
N GLN B 242 36.32 -18.83 19.76
CA GLN B 242 35.97 -18.76 21.18
C GLN B 242 36.44 -17.46 21.81
N ASP B 243 37.60 -16.99 21.39
CA ASP B 243 38.18 -15.76 21.94
C ASP B 243 37.98 -14.52 21.08
N ALA B 244 36.97 -14.55 20.21
CA ALA B 244 36.70 -13.40 19.34
C ALA B 244 36.38 -12.16 20.16
N LYS B 245 36.78 -11.00 19.66
CA LYS B 245 36.49 -9.76 20.37
C LYS B 245 35.07 -9.32 20.06
N TRP B 246 34.46 -8.62 20.99
CA TRP B 246 33.09 -8.16 20.81
C TRP B 246 32.95 -7.15 19.67
N ARG B 247 31.81 -7.19 18.99
CA ARG B 247 31.54 -6.30 17.86
C ARG B 247 30.27 -5.50 18.06
N LYS B 248 30.28 -4.57 19.00
CA LYS B 248 29.11 -3.74 19.27
C LYS B 248 28.73 -2.91 18.06
N ASP B 249 29.73 -2.53 17.27
CA ASP B 249 29.53 -1.75 16.06
C ASP B 249 28.65 -2.51 15.07
N VAL B 250 28.65 -3.83 15.16
CA VAL B 250 27.82 -4.63 14.28
C VAL B 250 26.34 -4.48 14.66
N LEU B 251 26.08 -4.38 15.96
CA LEU B 251 24.70 -4.21 16.42
C LEU B 251 24.17 -2.82 16.04
N ALA B 252 25.05 -1.82 16.11
CA ALA B 252 24.69 -0.45 15.77
C ALA B 252 24.34 -0.36 14.29
N ALA B 253 25.12 -1.06 13.47
CA ALA B 253 24.88 -1.06 12.03
C ALA B 253 23.56 -1.76 11.71
N ALA B 254 23.30 -2.88 12.36
CA ALA B 254 22.05 -3.60 12.14
C ALA B 254 20.87 -2.71 12.51
N ALA B 255 21.01 -1.96 13.61
CA ALA B 255 19.95 -1.06 14.07
C ALA B 255 19.71 0.08 13.07
N LYS B 256 20.79 0.64 12.55
CA LYS B 256 20.72 1.73 11.58
C LYS B 256 19.94 1.26 10.36
N ILE B 257 20.21 0.03 9.94
CA ILE B 257 19.56 -0.55 8.78
C ILE B 257 18.06 -0.83 8.97
N VAL B 258 17.68 -1.45 10.07
CA VAL B 258 16.26 -1.76 10.27
C VAL B 258 15.36 -0.66 10.79
N THR B 259 15.93 0.41 11.33
CA THR B 259 15.10 1.49 11.84
C THR B 259 15.05 2.71 10.94
N GLU B 260 15.69 2.62 9.77
CA GLU B 260 15.71 3.72 8.82
C GLU B 260 14.29 4.04 8.39
N GLY B 261 13.92 5.31 8.47
CA GLY B 261 12.59 5.74 8.08
C GLY B 261 11.49 5.51 9.10
N LYS B 262 11.84 5.07 10.31
CA LYS B 262 10.83 4.80 11.34
C LYS B 262 10.55 5.98 12.24
N VAL C 1 -29.34 4.18 -36.43
CA VAL C 1 -30.39 3.94 -35.40
C VAL C 1 -30.76 5.23 -34.66
N GLN C 2 -32.04 5.59 -34.76
CA GLN C 2 -32.58 6.78 -34.11
C GLN C 2 -33.29 6.31 -32.85
N GLN C 3 -33.48 5.00 -32.76
CA GLN C 3 -34.14 4.38 -31.63
C GLN C 3 -33.24 4.53 -30.40
N VAL C 4 -31.94 4.60 -30.65
CA VAL C 4 -30.96 4.75 -29.56
C VAL C 4 -31.11 6.11 -28.88
N GLN C 5 -31.35 7.13 -29.70
CA GLN C 5 -31.51 8.48 -29.19
C GLN C 5 -32.76 8.68 -28.34
N LYS C 6 -33.88 8.10 -28.76
CA LYS C 6 -35.12 8.24 -28.01
C LYS C 6 -35.01 7.48 -26.70
N LYS C 7 -34.28 6.36 -26.72
CA LYS C 7 -34.10 5.55 -25.53
C LYS C 7 -33.26 6.29 -24.49
N LEU C 8 -32.24 7.01 -24.96
CA LEU C 8 -31.38 7.77 -24.05
C LEU C 8 -32.18 8.93 -23.46
N ALA C 9 -32.99 9.57 -24.28
CA ALA C 9 -33.81 10.68 -23.80
C ALA C 9 -34.79 10.15 -22.76
N ALA C 10 -35.37 8.99 -23.02
CA ALA C 10 -36.32 8.37 -22.10
C ALA C 10 -35.63 8.03 -20.78
N LEU C 11 -34.42 7.47 -20.86
CA LEU C 11 -33.64 7.12 -19.67
C LEU C 11 -33.33 8.39 -18.88
N GLU C 12 -32.87 9.43 -19.57
CA GLU C 12 -32.53 10.69 -18.89
C GLU C 12 -33.75 11.22 -18.14
N LYS C 13 -34.87 11.33 -18.84
CA LYS C 13 -36.11 11.83 -18.22
C LYS C 13 -36.52 11.01 -17.00
N GLN C 14 -36.42 9.69 -17.12
CA GLN C 14 -36.77 8.78 -16.02
C GLN C 14 -35.86 8.93 -14.81
N SER C 15 -34.60 9.32 -15.06
CA SER C 15 -33.61 9.47 -14.00
C SER C 15 -33.74 10.77 -13.23
N GLY C 16 -34.37 11.77 -13.85
CA GLY C 16 -34.50 13.06 -13.21
C GLY C 16 -33.21 13.86 -13.21
N GLY C 17 -32.20 13.40 -13.94
CA GLY C 17 -30.94 14.11 -13.99
C GLY C 17 -30.50 14.52 -15.37
N ARG C 18 -29.20 14.79 -15.54
CA ARG C 18 -28.66 15.19 -16.84
C ARG C 18 -27.69 14.10 -17.28
N LEU C 19 -27.94 13.53 -18.45
CA LEU C 19 -27.13 12.44 -18.97
C LEU C 19 -26.24 12.84 -20.14
N GLY C 20 -24.98 12.42 -20.08
CA GLY C 20 -24.03 12.71 -21.14
C GLY C 20 -23.38 11.43 -21.60
N VAL C 21 -23.50 11.14 -22.88
CA VAL C 21 -22.93 9.91 -23.44
C VAL C 21 -22.17 10.14 -24.73
N ALA C 22 -21.02 9.46 -24.83
CA ALA C 22 -20.18 9.52 -26.03
C ALA C 22 -19.61 8.12 -26.27
N LEU C 23 -20.02 7.51 -27.38
CA LEU C 23 -19.53 6.20 -27.75
C LEU C 23 -18.80 6.29 -29.08
N ILE C 24 -17.54 5.85 -29.09
CA ILE C 24 -16.75 5.86 -30.31
C ILE C 24 -16.49 4.41 -30.68
N ASN C 25 -16.91 4.02 -31.88
CA ASN C 25 -16.70 2.66 -32.36
C ASN C 25 -15.47 2.70 -33.25
N THR C 26 -14.36 2.16 -32.76
CA THR C 26 -13.13 2.18 -33.54
C THR C 26 -13.18 1.34 -34.81
N ALA C 27 -14.26 0.62 -35.01
CA ALA C 27 -14.39 -0.19 -36.22
C ALA C 27 -14.52 0.71 -37.45
N ASP C 28 -15.36 1.74 -37.33
CA ASP C 28 -15.61 2.67 -38.43
C ASP C 28 -15.55 4.13 -37.99
N ASN C 29 -15.14 4.35 -36.74
CA ASN C 29 -15.04 5.68 -36.18
C ASN C 29 -16.39 6.38 -36.03
N SER C 30 -17.48 5.61 -36.07
CA SER C 30 -18.80 6.18 -35.90
C SER C 30 -18.92 6.61 -34.44
N GLN C 31 -19.86 7.49 -34.16
CA GLN C 31 -20.07 7.96 -32.79
C GLN C 31 -21.55 8.04 -32.43
N VAL C 32 -21.85 7.78 -31.15
CA VAL C 32 -23.21 7.88 -30.65
C VAL C 32 -23.06 8.97 -29.61
N LEU C 33 -23.75 10.09 -29.82
CA LEU C 33 -23.62 11.23 -28.93
C LEU C 33 -24.91 11.70 -28.26
N TYR C 34 -24.80 12.04 -26.98
CA TYR C 34 -25.92 12.56 -26.22
C TYR C 34 -25.36 13.60 -25.23
N ARG C 35 -25.55 14.88 -25.55
CA ARG C 35 -25.03 15.98 -24.73
C ARG C 35 -23.52 15.78 -24.64
N ALA C 36 -22.96 15.19 -25.69
CA ALA C 36 -21.54 14.88 -25.77
C ALA C 36 -20.61 16.09 -25.67
N ASP C 37 -21.13 17.28 -25.96
CA ASP C 37 -20.31 18.47 -25.89
C ASP C 37 -20.54 19.27 -24.61
N GLU C 38 -21.45 18.81 -23.77
CA GLU C 38 -21.73 19.49 -22.51
C GLU C 38 -20.69 19.14 -21.46
N ARG C 39 -20.45 20.02 -20.51
CA ARG C 39 -19.48 19.76 -19.46
C ARG C 39 -20.13 19.10 -18.25
N PHE C 40 -19.37 18.21 -17.61
CA PHE C 40 -19.81 17.52 -16.40
C PHE C 40 -18.60 17.45 -15.48
N ALA C 41 -18.83 17.42 -14.18
CA ALA C 41 -17.73 17.28 -13.22
C ALA C 41 -17.19 15.86 -13.45
N MET C 42 -15.87 15.72 -13.53
CA MET C 42 -15.25 14.42 -13.77
C MET C 42 -15.16 13.49 -12.55
N CYS C 43 -15.22 14.05 -11.35
CA CYS C 43 -15.06 13.27 -10.15
C CYS C 43 -13.78 12.46 -10.29
N SER C 44 -13.76 11.19 -9.91
CA SER C 44 -12.53 10.39 -10.00
C SER C 44 -12.06 10.00 -11.40
N THR C 45 -12.88 10.22 -12.41
CA THR C 45 -12.45 9.85 -13.76
C THR C 45 -11.24 10.65 -14.22
N SER C 46 -11.00 11.79 -13.59
CA SER C 46 -9.87 12.63 -13.95
C SER C 46 -8.58 11.91 -13.59
N LYS C 47 -8.69 10.87 -12.77
CA LYS C 47 -7.53 10.10 -12.34
C LYS C 47 -6.84 9.39 -13.50
N VAL C 48 -7.57 9.15 -14.59
CA VAL C 48 -7.00 8.47 -15.75
C VAL C 48 -5.99 9.38 -16.45
N MET C 49 -6.35 10.65 -16.58
CA MET C 49 -5.48 11.62 -17.24
C MET C 49 -4.25 11.85 -16.34
N THR C 50 -4.46 11.81 -15.04
CA THR C 50 -3.40 12.04 -14.08
C THR C 50 -2.37 10.92 -14.10
N ALA C 51 -2.83 9.67 -14.02
CA ALA C 51 -1.91 8.54 -14.04
C ALA C 51 -1.19 8.47 -15.38
N ALA C 52 -1.89 8.83 -16.45
CA ALA C 52 -1.31 8.81 -17.79
C ALA C 52 -0.23 9.88 -17.92
N ALA C 53 -0.41 11.00 -17.22
CA ALA C 53 0.56 12.09 -17.26
C ALA C 53 1.87 11.55 -16.67
N VAL C 54 1.74 10.73 -15.64
CA VAL C 54 2.91 10.12 -15.01
C VAL C 54 3.54 9.14 -16.00
N LEU C 55 2.71 8.30 -16.61
CA LEU C 55 3.23 7.33 -17.58
C LEU C 55 4.00 8.05 -18.69
N LYS C 56 3.48 9.19 -19.14
CA LYS C 56 4.15 9.95 -20.20
C LYS C 56 5.57 10.32 -19.77
N GLN C 57 5.72 10.76 -18.53
CA GLN C 57 7.03 11.12 -18.00
C GLN C 57 8.00 9.94 -18.10
N SER C 58 7.52 8.76 -17.76
CA SER C 58 8.34 7.56 -17.78
C SER C 58 8.91 7.27 -19.15
N GLU C 59 8.39 7.97 -20.16
CA GLU C 59 8.88 7.78 -21.52
C GLU C 59 10.23 8.47 -21.71
N THR C 60 10.45 9.54 -20.96
CA THR C 60 11.69 10.29 -21.03
C THR C 60 12.59 9.93 -19.84
N HIS C 61 12.03 9.98 -18.65
CA HIS C 61 12.78 9.68 -17.43
C HIS C 61 12.68 8.21 -17.05
N ASP C 62 13.69 7.44 -17.46
CA ASP C 62 13.74 6.01 -17.18
C ASP C 62 13.73 5.71 -15.69
N GLY C 63 12.92 4.73 -15.30
CA GLY C 63 12.83 4.34 -13.90
C GLY C 63 12.04 5.26 -12.99
N ILE C 64 11.50 6.32 -13.56
CA ILE C 64 10.72 7.29 -12.78
C ILE C 64 9.56 6.63 -12.01
N LEU C 65 8.99 5.57 -12.57
CA LEU C 65 7.89 4.87 -11.93
C LEU C 65 8.32 4.20 -10.63
N GLN C 66 9.63 4.03 -10.46
CA GLN C 66 10.18 3.40 -9.26
C GLN C 66 10.45 4.43 -8.17
N GLN C 67 10.47 5.70 -8.52
CA GLN C 67 10.71 6.75 -7.53
C GLN C 67 9.71 6.56 -6.40
N LYS C 68 10.16 6.81 -5.18
CA LYS C 68 9.30 6.62 -4.02
C LYS C 68 8.80 7.89 -3.37
N MET C 69 7.68 7.76 -2.67
CA MET C 69 7.08 8.88 -1.95
C MET C 69 6.61 8.35 -0.61
N THR C 70 6.75 9.16 0.42
CA THR C 70 6.35 8.76 1.76
C THR C 70 4.87 9.00 1.98
N ILE C 71 4.22 8.06 2.67
CA ILE C 71 2.81 8.19 2.98
C ILE C 71 2.72 8.48 4.47
N LYS C 72 2.50 9.76 4.79
CA LYS C 72 2.41 10.18 6.17
C LYS C 72 0.95 10.37 6.60
N LYS C 73 0.69 10.12 7.87
CA LYS C 73 -0.65 10.24 8.43
C LYS C 73 -1.34 11.53 7.97
N ALA C 74 -0.54 12.57 7.73
CA ALA C 74 -1.08 13.85 7.31
C ALA C 74 -1.52 13.89 5.83
N ASP C 75 -1.22 12.84 5.09
CA ASP C 75 -1.59 12.77 3.68
C ASP C 75 -2.99 12.18 3.48
N LEU C 76 -3.32 11.19 4.29
CA LEU C 76 -4.59 10.51 4.21
C LEU C 76 -5.77 11.43 3.97
N THR C 77 -6.70 10.98 3.13
CA THR C 77 -7.89 11.75 2.79
C THR C 77 -9.14 10.99 3.26
N ASN C 78 -10.25 11.17 2.56
CA ASN C 78 -11.50 10.50 2.91
C ASN C 78 -11.59 9.07 2.36
N TRP C 79 -10.65 8.70 1.51
CA TRP C 79 -10.65 7.35 0.92
C TRP C 79 -9.21 6.90 0.69
N ASN C 80 -8.74 6.00 1.54
CA ASN C 80 -7.38 5.50 1.46
C ASN C 80 -7.32 3.97 1.50
N PRO C 81 -8.00 3.31 0.56
CA PRO C 81 -8.00 1.84 0.53
C PRO C 81 -6.62 1.19 0.54
N VAL C 82 -5.68 1.76 -0.21
CA VAL C 82 -4.34 1.21 -0.29
C VAL C 82 -3.32 1.97 0.53
N THR C 83 -3.31 3.30 0.36
CA THR C 83 -2.37 4.16 1.06
C THR C 83 -2.39 4.02 2.58
N GLU C 84 -3.54 3.67 3.15
CA GLU C 84 -3.64 3.52 4.59
C GLU C 84 -2.79 2.35 5.06
N LYS C 85 -2.48 1.44 4.15
CA LYS C 85 -1.67 0.28 4.45
C LYS C 85 -0.19 0.63 4.46
N TYR C 86 0.16 1.75 3.83
CA TYR C 86 1.56 2.18 3.74
C TYR C 86 1.90 3.39 4.60
N VAL C 87 1.00 3.79 5.48
CA VAL C 87 1.26 4.94 6.33
C VAL C 87 2.57 4.73 7.10
N GLY C 88 3.40 5.77 7.16
CA GLY C 88 4.67 5.67 7.85
C GLY C 88 5.68 4.88 7.04
N ASN C 89 5.38 4.70 5.75
CA ASN C 89 6.25 3.96 4.85
C ASN C 89 6.18 4.60 3.46
N THR C 90 6.75 3.95 2.46
CA THR C 90 6.73 4.50 1.11
C THR C 90 6.06 3.64 0.05
N MET C 91 5.68 4.30 -1.05
CA MET C 91 5.05 3.67 -2.20
C MET C 91 5.70 4.25 -3.44
N THR C 92 5.80 3.46 -4.49
CA THR C 92 6.40 3.94 -5.74
C THR C 92 5.30 4.60 -6.58
N LEU C 93 5.71 5.48 -7.48
CA LEU C 93 4.73 6.16 -8.33
C LEU C 93 3.87 5.12 -9.05
N ALA C 94 4.48 3.97 -9.33
CA ALA C 94 3.77 2.90 -10.01
C ALA C 94 2.66 2.34 -9.13
N GLU C 95 2.98 2.13 -7.85
CA GLU C 95 2.01 1.60 -6.89
C GLU C 95 0.91 2.64 -6.65
N LEU C 96 1.32 3.90 -6.55
CA LEU C 96 0.37 4.98 -6.33
C LEU C 96 -0.58 5.07 -7.51
N SER C 97 -0.05 4.90 -8.72
CA SER C 97 -0.87 4.96 -9.92
C SER C 97 -1.87 3.81 -9.90
N ALA C 98 -1.36 2.61 -9.63
CA ALA C 98 -2.21 1.42 -9.59
C ALA C 98 -3.28 1.57 -8.51
N ALA C 99 -2.90 2.13 -7.37
CA ALA C 99 -3.82 2.33 -6.27
C ALA C 99 -4.96 3.30 -6.61
N THR C 100 -4.62 4.42 -7.22
CA THR C 100 -5.62 5.42 -7.56
C THR C 100 -6.52 5.00 -8.72
N LEU C 101 -6.03 4.12 -9.59
CA LEU C 101 -6.83 3.69 -10.71
C LEU C 101 -7.70 2.46 -10.40
N GLN C 102 -7.15 1.52 -9.65
CA GLN C 102 -7.86 0.28 -9.34
C GLN C 102 -8.71 0.34 -8.08
N TYR C 103 -8.42 1.27 -7.19
CA TYR C 103 -9.20 1.41 -5.95
C TYR C 103 -9.66 2.85 -5.75
N SER C 104 -9.27 3.72 -6.67
CA SER C 104 -9.64 5.13 -6.63
C SER C 104 -9.16 5.81 -5.35
N ASP C 105 -7.98 5.41 -4.88
CA ASP C 105 -7.40 5.96 -3.67
C ASP C 105 -7.12 7.46 -3.83
N ASN C 106 -7.81 8.29 -3.05
CA ASN C 106 -7.63 9.74 -3.13
C ASN C 106 -6.29 10.23 -2.61
N THR C 107 -5.70 9.49 -1.68
CA THR C 107 -4.41 9.88 -1.15
C THR C 107 -3.37 9.66 -2.24
N ALA C 108 -3.50 8.55 -2.96
CA ALA C 108 -2.60 8.22 -4.04
C ALA C 108 -2.74 9.25 -5.16
N MET C 109 -3.97 9.69 -5.40
CA MET C 109 -4.24 10.68 -6.43
C MET C 109 -3.47 11.96 -6.11
N ASN C 110 -3.63 12.45 -4.88
CA ASN C 110 -2.94 13.67 -4.47
C ASN C 110 -1.43 13.52 -4.49
N LYS C 111 -0.94 12.33 -4.22
CA LYS C 111 0.51 12.11 -4.26
C LYS C 111 0.98 12.30 -5.69
N LEU C 112 0.23 11.76 -6.65
CA LEU C 112 0.60 11.88 -8.05
C LEU C 112 0.53 13.33 -8.50
N LEU C 113 -0.49 14.05 -8.03
CA LEU C 113 -0.64 15.47 -8.35
C LEU C 113 0.54 16.24 -7.81
N ALA C 114 0.95 15.92 -6.58
CA ALA C 114 2.08 16.59 -5.97
C ALA C 114 3.31 16.34 -6.83
N HIS C 115 3.53 15.09 -7.21
CA HIS C 115 4.68 14.75 -8.05
C HIS C 115 4.66 15.51 -9.37
N LEU C 116 3.48 15.57 -9.99
CA LEU C 116 3.33 16.23 -11.28
C LEU C 116 3.46 17.75 -11.23
N GLY C 117 3.43 18.31 -10.03
CA GLY C 117 3.54 19.74 -9.91
C GLY C 117 2.20 20.46 -9.86
N GLY C 118 1.12 19.70 -9.65
CA GLY C 118 -0.19 20.31 -9.55
C GLY C 118 -1.19 19.93 -10.63
N PRO C 119 -2.50 20.12 -10.38
CA PRO C 119 -3.55 19.80 -11.33
C PRO C 119 -3.36 20.54 -12.66
N GLY C 120 -2.77 21.73 -12.60
CA GLY C 120 -2.53 22.49 -13.80
C GLY C 120 -1.63 21.75 -14.78
N ASN C 121 -0.77 20.86 -14.27
CA ASN C 121 0.11 20.09 -15.15
C ASN C 121 -0.60 18.90 -15.77
N VAL C 122 -1.69 18.47 -15.13
CA VAL C 122 -2.47 17.37 -15.67
C VAL C 122 -3.23 17.94 -16.86
N THR C 123 -3.70 19.17 -16.68
CA THR C 123 -4.42 19.88 -17.72
C THR C 123 -3.50 20.09 -18.92
N ALA C 124 -2.24 20.38 -18.63
CA ALA C 124 -1.25 20.58 -19.67
C ALA C 124 -1.08 19.28 -20.43
N PHE C 125 -1.03 18.16 -19.71
CA PHE C 125 -0.88 16.87 -20.37
C PHE C 125 -2.07 16.65 -21.31
N ALA C 126 -3.27 16.91 -20.82
CA ALA C 126 -4.47 16.74 -21.62
C ALA C 126 -4.33 17.53 -22.92
N ARG C 127 -3.91 18.77 -22.81
CA ARG C 127 -3.74 19.57 -24.02
C ARG C 127 -2.64 19.01 -24.92
N SER C 128 -1.61 18.41 -24.33
CA SER C 128 -0.53 17.84 -25.13
C SER C 128 -1.04 16.69 -26.00
N ILE C 129 -2.19 16.11 -25.65
CA ILE C 129 -2.75 15.02 -26.45
C ILE C 129 -3.94 15.46 -27.29
N GLY C 130 -4.13 16.77 -27.40
CA GLY C 130 -5.22 17.30 -28.20
C GLY C 130 -6.53 17.56 -27.49
N ASP C 131 -6.53 17.51 -26.16
CA ASP C 131 -7.75 17.73 -25.40
C ASP C 131 -7.78 19.15 -24.84
N THR C 132 -8.54 20.03 -25.47
CA THR C 132 -8.63 21.41 -25.01
C THR C 132 -9.85 21.65 -24.14
N THR C 133 -10.62 20.59 -23.90
CA THR C 133 -11.83 20.70 -23.09
C THR C 133 -11.53 20.37 -21.63
N PHE C 134 -10.70 19.36 -21.42
CA PHE C 134 -10.32 18.92 -20.08
C PHE C 134 -9.66 20.02 -19.26
N ARG C 135 -9.99 20.06 -17.97
CA ARG C 135 -9.39 21.02 -17.05
C ARG C 135 -9.49 20.52 -15.61
N LEU C 136 -8.35 20.40 -14.96
CA LEU C 136 -8.31 19.97 -13.57
C LEU C 136 -7.83 21.18 -12.79
N ASP C 137 -8.66 21.65 -11.86
CA ASP C 137 -8.34 22.83 -11.09
C ASP C 137 -8.00 22.59 -9.63
N ARG C 138 -8.55 21.52 -9.06
CA ARG C 138 -8.31 21.23 -7.66
C ARG C 138 -7.89 19.79 -7.41
N LYS C 139 -7.43 19.53 -6.19
CA LYS C 139 -7.01 18.21 -5.80
C LYS C 139 -8.14 17.56 -5.01
N GLU C 140 -7.88 16.38 -4.47
CA GLU C 140 -8.88 15.68 -3.67
C GLU C 140 -8.86 16.32 -2.30
N PRO C 141 -10.06 16.50 -1.69
CA PRO C 141 -11.36 16.14 -2.24
C PRO C 141 -12.17 17.29 -2.83
N GLU C 142 -11.59 18.49 -2.84
CA GLU C 142 -12.27 19.67 -3.37
C GLU C 142 -12.76 19.58 -4.81
N LEU C 143 -12.11 18.76 -5.62
CA LEU C 143 -12.50 18.63 -7.02
C LEU C 143 -13.83 17.91 -7.22
N ASN C 144 -14.46 17.51 -6.12
CA ASN C 144 -15.74 16.81 -6.23
C ASN C 144 -17.00 17.64 -5.96
N THR C 145 -16.87 18.96 -5.80
CA THR C 145 -18.05 19.79 -5.53
C THR C 145 -19.11 19.67 -6.63
N ALA C 146 -18.68 19.46 -7.86
CA ALA C 146 -19.59 19.31 -9.01
C ALA C 146 -20.75 20.30 -9.02
N ILE C 147 -20.49 21.54 -8.65
CA ILE C 147 -21.54 22.55 -8.63
C ILE C 147 -22.07 22.83 -10.03
N PRO C 148 -23.41 22.87 -10.19
CA PRO C 148 -24.03 23.14 -11.49
C PRO C 148 -23.56 24.49 -12.04
N GLY C 149 -23.04 24.47 -13.27
CA GLY C 149 -22.57 25.70 -13.89
C GLY C 149 -21.09 25.99 -13.64
N ASP C 150 -20.49 25.29 -12.69
CA ASP C 150 -19.09 25.49 -12.37
C ASP C 150 -18.26 24.69 -13.38
N GLU C 151 -17.33 25.36 -14.06
CA GLU C 151 -16.49 24.71 -15.08
C GLU C 151 -15.26 24.03 -14.51
N ARG C 152 -14.94 24.31 -13.25
CA ARG C 152 -13.78 23.70 -12.61
C ARG C 152 -13.88 22.18 -12.58
N ASP C 153 -12.76 21.52 -12.87
CA ASP C 153 -12.66 20.05 -12.86
C ASP C 153 -13.75 19.37 -13.68
N THR C 154 -13.94 19.83 -14.90
CA THR C 154 -14.96 19.27 -15.79
C THR C 154 -14.40 18.98 -17.17
N THR C 155 -15.20 18.28 -17.96
CA THR C 155 -14.87 17.97 -19.35
C THR C 155 -16.16 17.52 -20.02
N SER C 156 -16.09 17.27 -21.32
CA SER C 156 -17.26 16.82 -22.04
C SER C 156 -17.11 15.34 -22.29
N PRO C 157 -18.23 14.63 -22.48
CA PRO C 157 -18.17 13.18 -22.72
C PRO C 157 -17.31 12.86 -23.95
N LEU C 158 -17.50 13.60 -25.03
CA LEU C 158 -16.76 13.36 -26.26
C LEU C 158 -15.27 13.67 -26.09
N ALA C 159 -14.95 14.77 -25.45
CA ALA C 159 -13.55 15.12 -25.26
C ALA C 159 -12.86 14.00 -24.48
N MET C 160 -13.49 13.54 -23.42
CA MET C 160 -12.90 12.48 -22.61
C MET C 160 -12.81 11.16 -23.39
N ALA C 161 -13.80 10.90 -24.24
CA ALA C 161 -13.83 9.68 -25.03
C ALA C 161 -12.69 9.67 -26.05
N LYS C 162 -12.42 10.81 -26.66
CA LYS C 162 -11.35 10.89 -27.64
C LYS C 162 -10.00 10.74 -26.94
N SER C 163 -9.88 11.37 -25.78
CA SER C 163 -8.64 11.30 -25.01
C SER C 163 -8.37 9.86 -24.54
N LEU C 164 -9.42 9.20 -24.05
CA LEU C 164 -9.27 7.82 -23.58
C LEU C 164 -8.88 6.93 -24.75
N ARG C 165 -9.38 7.25 -25.94
CA ARG C 165 -9.04 6.46 -27.10
C ARG C 165 -7.57 6.66 -27.45
N LYS C 166 -7.14 7.92 -27.51
CA LYS C 166 -5.75 8.22 -27.83
C LYS C 166 -4.76 7.59 -26.87
N LEU C 167 -5.12 7.56 -25.59
CA LEU C 167 -4.25 7.01 -24.55
C LEU C 167 -4.19 5.49 -24.49
N THR C 168 -5.32 4.83 -24.73
CA THR C 168 -5.37 3.38 -24.66
C THR C 168 -5.20 2.63 -25.96
N LEU C 169 -5.53 3.29 -27.07
CA LEU C 169 -5.44 2.66 -28.37
C LEU C 169 -4.59 3.40 -29.38
N GLY C 170 -4.56 4.74 -29.25
CA GLY C 170 -3.80 5.57 -30.16
C GLY C 170 -2.33 5.71 -29.83
N ASP C 171 -1.74 6.82 -30.26
CA ASP C 171 -0.32 7.05 -30.02
C ASP C 171 0.05 8.12 -29.02
N ALA C 172 -0.85 8.44 -28.10
CA ALA C 172 -0.57 9.46 -27.10
C ALA C 172 0.54 8.96 -26.18
N LEU C 173 0.56 7.66 -25.93
CA LEU C 173 1.57 7.03 -25.08
C LEU C 173 2.37 6.02 -25.88
N ALA C 174 3.59 5.72 -25.44
CA ALA C 174 4.42 4.74 -26.13
C ALA C 174 3.91 3.35 -25.78
N GLY C 175 4.42 2.33 -26.47
CA GLY C 175 3.99 0.96 -26.25
C GLY C 175 3.88 0.48 -24.82
N PRO C 176 4.99 0.44 -24.08
CA PRO C 176 5.01 -0.02 -22.68
C PRO C 176 4.04 0.74 -21.78
N GLN C 177 4.04 2.06 -21.90
CA GLN C 177 3.17 2.90 -21.10
C GLN C 177 1.69 2.68 -21.45
N ARG C 178 1.40 2.57 -22.73
CA ARG C 178 0.04 2.35 -23.20
C ARG C 178 -0.49 1.02 -22.64
N ALA C 179 0.32 -0.02 -22.73
CA ALA C 179 -0.05 -1.35 -22.25
C ALA C 179 -0.27 -1.35 -20.73
N GLN C 180 0.52 -0.57 -20.01
CA GLN C 180 0.38 -0.51 -18.57
C GLN C 180 -0.92 0.21 -18.19
N LEU C 181 -1.29 1.25 -18.94
CA LEU C 181 -2.51 1.97 -18.64
C LEU C 181 -3.70 1.02 -18.86
N VAL C 182 -3.67 0.31 -19.98
CA VAL C 182 -4.74 -0.64 -20.30
C VAL C 182 -4.86 -1.70 -19.20
N ASP C 183 -3.73 -2.28 -18.79
CA ASP C 183 -3.74 -3.29 -17.74
C ASP C 183 -4.35 -2.73 -16.46
N TRP C 184 -3.98 -1.50 -16.09
CA TRP C 184 -4.53 -0.90 -14.87
C TRP C 184 -6.03 -0.69 -14.97
N LEU C 185 -6.49 -0.17 -16.12
CA LEU C 185 -7.91 0.07 -16.32
C LEU C 185 -8.70 -1.22 -16.26
N LYS C 186 -8.16 -2.28 -16.86
CA LYS C 186 -8.82 -3.58 -16.85
C LYS C 186 -8.88 -4.13 -15.43
N GLY C 187 -7.94 -3.69 -14.60
CA GLY C 187 -7.90 -4.16 -13.23
C GLY C 187 -8.75 -3.36 -12.27
N ASN C 188 -9.60 -2.48 -12.78
CA ASN C 188 -10.45 -1.69 -11.89
C ASN C 188 -11.31 -2.64 -11.06
N THR C 189 -11.46 -2.34 -9.78
CA THR C 189 -12.25 -3.17 -8.89
C THR C 189 -13.53 -2.47 -8.41
N THR C 190 -13.77 -1.27 -8.90
CA THR C 190 -14.95 -0.52 -8.46
C THR C 190 -16.00 -0.23 -9.54
N GLY C 191 -15.85 -0.81 -10.73
CA GLY C 191 -16.80 -0.54 -11.78
C GLY C 191 -17.87 -1.60 -12.05
N GLY C 192 -18.03 -2.54 -11.12
CA GLY C 192 -19.02 -3.59 -11.29
C GLY C 192 -20.46 -3.18 -11.57
N GLN C 193 -20.95 -2.14 -10.91
CA GLN C 193 -22.33 -1.70 -11.11
C GLN C 193 -22.54 -0.62 -12.15
N SER C 194 -21.48 -0.19 -12.81
CA SER C 194 -21.62 0.87 -13.80
C SER C 194 -21.70 0.34 -15.23
N ILE C 195 -20.87 0.87 -16.12
CA ILE C 195 -20.87 0.45 -17.51
C ILE C 195 -20.82 -1.07 -17.65
N ARG C 196 -19.96 -1.71 -16.86
CA ARG C 196 -19.82 -3.16 -16.92
C ARG C 196 -21.16 -3.89 -16.76
N ALA C 197 -21.98 -3.43 -15.83
CA ALA C 197 -23.27 -4.06 -15.56
C ALA C 197 -24.23 -4.02 -16.76
N GLY C 198 -23.96 -3.16 -17.72
CA GLY C 198 -24.85 -3.09 -18.86
C GLY C 198 -24.31 -3.77 -20.11
N LEU C 199 -23.25 -4.54 -19.94
CA LEU C 199 -22.62 -5.22 -21.08
C LEU C 199 -22.53 -6.73 -20.91
N PRO C 200 -22.38 -7.46 -22.03
CA PRO C 200 -22.26 -8.91 -21.96
C PRO C 200 -21.10 -9.22 -21.01
N ALA C 201 -21.31 -10.18 -20.11
CA ALA C 201 -20.30 -10.54 -19.12
C ALA C 201 -18.93 -10.93 -19.67
N HIS C 202 -18.88 -11.54 -20.85
CA HIS C 202 -17.60 -11.97 -21.41
C HIS C 202 -16.79 -10.90 -22.13
N TRP C 203 -17.37 -9.72 -22.34
CA TRP C 203 -16.63 -8.64 -23.00
C TRP C 203 -15.55 -8.16 -22.04
N VAL C 204 -14.38 -7.83 -22.58
CA VAL C 204 -13.25 -7.36 -21.77
C VAL C 204 -13.34 -5.84 -21.64
N VAL C 205 -13.13 -5.35 -20.42
CA VAL C 205 -13.28 -3.92 -20.18
C VAL C 205 -12.25 -3.27 -19.27
N GLY C 206 -11.83 -2.07 -19.68
CA GLY C 206 -10.90 -1.30 -18.89
C GLY C 206 -11.69 -0.03 -18.58
N ASP C 207 -11.83 0.32 -17.31
CA ASP C 207 -12.61 1.53 -17.01
C ASP C 207 -12.20 2.21 -15.72
N LYS C 208 -12.74 3.41 -15.52
CA LYS C 208 -12.49 4.18 -14.32
C LYS C 208 -13.83 4.84 -14.01
N THR C 209 -14.38 4.52 -12.84
CA THR C 209 -15.65 5.09 -12.43
C THR C 209 -15.46 6.32 -11.57
N GLY C 210 -16.56 6.99 -11.29
CA GLY C 210 -16.51 8.19 -10.47
C GLY C 210 -17.87 8.58 -9.93
N ALA C 211 -17.85 9.15 -8.74
CA ALA C 211 -19.08 9.60 -8.11
C ALA C 211 -18.75 10.74 -7.16
N CYS C 212 -19.56 11.79 -7.22
CA CYS C 212 -19.35 12.92 -6.32
C CYS C 212 -20.63 13.71 -6.08
N ASP C 213 -20.51 14.90 -5.49
CA ASP C 213 -21.68 15.71 -5.18
C ASP C 213 -22.68 15.86 -6.32
N TYR C 214 -23.89 16.25 -5.94
CA TYR C 214 -24.99 16.43 -6.88
C TYR C 214 -25.31 15.11 -7.57
N GLY C 215 -25.13 14.03 -6.82
CA GLY C 215 -25.40 12.69 -7.32
C GLY C 215 -24.66 12.39 -8.61
N THR C 216 -23.56 13.09 -8.85
CA THR C 216 -22.79 12.86 -10.07
C THR C 216 -22.20 11.45 -10.07
N THR C 217 -22.54 10.70 -11.11
CA THR C 217 -22.08 9.32 -11.25
C THR C 217 -21.50 9.13 -12.64
N ASN C 218 -20.20 8.84 -12.70
CA ASN C 218 -19.52 8.70 -13.98
C ASN C 218 -18.81 7.37 -14.23
N ASP C 219 -18.39 7.19 -15.47
CA ASP C 219 -17.66 5.99 -15.88
C ASP C 219 -17.16 6.21 -17.30
N ILE C 220 -15.92 5.87 -17.56
CA ILE C 220 -15.32 5.97 -18.88
C ILE C 220 -14.62 4.64 -19.09
N ALA C 221 -14.85 4.03 -20.25
CA ALA C 221 -14.26 2.72 -20.50
C ALA C 221 -13.86 2.43 -21.93
N VAL C 222 -12.97 1.47 -22.04
CA VAL C 222 -12.51 0.93 -23.29
C VAL C 222 -13.10 -0.46 -23.34
N ILE C 223 -13.85 -0.81 -24.38
CA ILE C 223 -14.51 -2.10 -24.40
C ILE C 223 -14.15 -2.96 -25.61
N TRP C 224 -13.82 -4.21 -25.35
CA TRP C 224 -13.49 -5.15 -26.40
C TRP C 224 -14.60 -6.20 -26.51
N PRO C 225 -15.49 -6.04 -27.49
CA PRO C 225 -16.60 -7.00 -27.67
C PRO C 225 -16.10 -8.21 -28.45
N GLU C 226 -15.85 -9.31 -27.72
CA GLU C 226 -15.34 -10.54 -28.32
C GLU C 226 -14.11 -10.21 -29.17
N ASP C 227 -14.12 -10.64 -30.43
CA ASP C 227 -12.98 -10.38 -31.30
C ASP C 227 -13.18 -9.19 -32.23
N ARG C 228 -14.16 -8.34 -31.91
CA ARG C 228 -14.45 -7.15 -32.70
C ARG C 228 -13.65 -5.93 -32.24
N ALA C 229 -13.65 -4.88 -33.06
CA ALA C 229 -12.91 -3.67 -32.75
C ALA C 229 -13.39 -3.03 -31.45
N PRO C 230 -12.46 -2.47 -30.66
CA PRO C 230 -12.75 -1.84 -29.38
C PRO C 230 -13.76 -0.69 -29.49
N LEU C 231 -14.44 -0.43 -28.37
CA LEU C 231 -15.40 0.66 -28.29
C LEU C 231 -14.90 1.55 -27.16
N VAL C 232 -15.07 2.86 -27.32
CA VAL C 232 -14.66 3.79 -26.27
C VAL C 232 -15.94 4.49 -25.84
N LEU C 233 -16.28 4.32 -24.57
CA LEU C 233 -17.52 4.88 -24.03
C LEU C 233 -17.36 5.68 -22.75
N VAL C 234 -18.00 6.85 -22.73
CA VAL C 234 -18.01 7.71 -21.56
C VAL C 234 -19.47 7.95 -21.19
N THR C 235 -19.81 7.68 -19.94
CA THR C 235 -21.17 7.90 -19.47
C THR C 235 -21.09 8.81 -18.24
N TYR C 236 -21.55 10.05 -18.40
CA TYR C 236 -21.53 11.00 -17.29
C TYR C 236 -22.98 11.28 -16.88
N PHE C 237 -23.20 11.45 -15.59
CA PHE C 237 -24.55 11.71 -15.10
C PHE C 237 -24.50 12.56 -13.86
N THR C 238 -25.36 13.57 -13.80
CA THR C 238 -25.40 14.43 -12.64
C THR C 238 -26.85 14.81 -12.34
N GLN C 239 -27.14 15.17 -11.10
CA GLN C 239 -28.50 15.50 -10.70
C GLN C 239 -28.71 16.89 -10.11
N PRO C 240 -30.00 17.30 -9.95
CA PRO C 240 -30.37 18.61 -9.39
C PRO C 240 -30.01 18.87 -7.93
N GLN C 241 -30.08 17.84 -7.09
CA GLN C 241 -29.80 18.00 -5.65
C GLN C 241 -28.36 17.71 -5.27
N GLN C 242 -27.80 18.59 -4.45
CA GLN C 242 -26.42 18.44 -4.00
C GLN C 242 -26.23 17.13 -3.24
N ASP C 243 -27.27 16.71 -2.52
CA ASP C 243 -27.20 15.48 -1.75
C ASP C 243 -27.82 14.27 -2.42
N ALA C 244 -28.04 14.35 -3.73
CA ALA C 244 -28.65 13.23 -4.45
C ALA C 244 -27.80 11.97 -4.33
N LYS C 245 -28.46 10.81 -4.42
CA LYS C 245 -27.78 9.52 -4.32
C LYS C 245 -27.21 9.15 -5.68
N TRP C 246 -26.11 8.42 -5.69
CA TRP C 246 -25.49 8.01 -6.94
C TRP C 246 -26.38 7.02 -7.69
N ARG C 247 -26.34 7.09 -9.02
CA ARG C 247 -27.16 6.23 -9.86
C ARG C 247 -26.36 5.44 -10.87
N LYS C 248 -25.52 4.53 -10.39
CA LYS C 248 -24.70 3.73 -11.27
C LYS C 248 -25.54 2.91 -12.24
N ASP C 249 -26.76 2.58 -11.82
CA ASP C 249 -27.67 1.81 -12.65
C ASP C 249 -28.04 2.62 -13.90
N VAL C 250 -27.95 3.95 -13.80
CA VAL C 250 -28.24 4.79 -14.96
C VAL C 250 -27.12 4.63 -15.99
N LEU C 251 -25.90 4.49 -15.51
CA LEU C 251 -24.77 4.32 -16.42
C LEU C 251 -24.86 2.95 -17.13
N ALA C 252 -25.26 1.93 -16.38
CA ALA C 252 -25.40 0.59 -16.92
C ALA C 252 -26.48 0.57 -18.01
N ALA C 253 -27.57 1.30 -17.75
CA ALA C 253 -28.67 1.37 -18.72
C ALA C 253 -28.20 2.08 -20.00
N ALA C 254 -27.50 3.20 -19.84
CA ALA C 254 -26.99 3.94 -20.98
C ALA C 254 -26.10 3.03 -21.82
N ALA C 255 -25.20 2.30 -21.15
CA ALA C 255 -24.29 1.39 -21.83
C ALA C 255 -25.05 0.31 -22.60
N LYS C 256 -26.03 -0.30 -21.94
CA LYS C 256 -26.84 -1.35 -22.54
C LYS C 256 -27.50 -0.87 -23.83
N ILE C 257 -27.92 0.39 -23.84
CA ILE C 257 -28.57 0.95 -25.01
C ILE C 257 -27.64 1.21 -26.19
N VAL C 258 -26.53 1.89 -25.95
CA VAL C 258 -25.62 2.21 -27.05
C VAL C 258 -24.69 1.09 -27.55
N THR C 259 -24.48 0.05 -26.75
CA THR C 259 -23.59 -1.04 -27.20
C THR C 259 -24.34 -2.25 -27.73
N GLU C 260 -25.67 -2.20 -27.65
CA GLU C 260 -26.50 -3.31 -28.13
C GLU C 260 -26.19 -3.60 -29.59
N GLY C 261 -25.89 -4.86 -29.89
CA GLY C 261 -25.59 -5.26 -31.26
C GLY C 261 -24.15 -5.07 -31.70
N LYS C 262 -23.29 -4.54 -30.82
CA LYS C 262 -21.89 -4.33 -31.17
C LYS C 262 -21.00 -5.57 -31.05
N VAL D 1 8.34 -22.18 -15.32
CA VAL D 1 8.88 -23.37 -14.62
C VAL D 1 9.34 -24.38 -15.65
N GLN D 2 10.12 -25.37 -15.22
CA GLN D 2 10.61 -26.38 -16.15
C GLN D 2 9.59 -27.49 -16.39
N GLN D 3 8.42 -27.37 -15.77
CA GLN D 3 7.38 -28.37 -15.96
C GLN D 3 7.00 -28.27 -17.43
N VAL D 4 6.95 -27.03 -17.91
CA VAL D 4 6.61 -26.74 -19.30
C VAL D 4 7.71 -27.23 -20.24
N GLN D 5 8.96 -27.01 -19.85
CA GLN D 5 10.10 -27.45 -20.64
C GLN D 5 10.05 -28.94 -20.88
N LYS D 6 9.79 -29.70 -19.83
CA LYS D 6 9.72 -31.15 -19.91
C LYS D 6 8.60 -31.56 -20.86
N LYS D 7 7.43 -30.94 -20.70
CA LYS D 7 6.29 -31.25 -21.55
C LYS D 7 6.55 -30.93 -23.02
N LEU D 8 7.20 -29.80 -23.28
CA LEU D 8 7.51 -29.43 -24.65
C LEU D 8 8.51 -30.41 -25.23
N ALA D 9 9.49 -30.81 -24.44
CA ALA D 9 10.50 -31.76 -24.88
C ALA D 9 9.82 -33.08 -25.25
N ALA D 10 8.91 -33.54 -24.38
CA ALA D 10 8.20 -34.80 -24.62
C ALA D 10 7.30 -34.70 -25.84
N LEU D 11 6.66 -33.54 -26.02
CA LEU D 11 5.79 -33.33 -27.16
C LEU D 11 6.59 -33.44 -28.46
N GLU D 12 7.74 -32.77 -28.50
CA GLU D 12 8.59 -32.81 -29.69
C GLU D 12 9.02 -34.25 -30.00
N LYS D 13 9.45 -34.96 -28.96
CA LYS D 13 9.90 -36.34 -29.12
C LYS D 13 8.82 -37.24 -29.73
N GLN D 14 7.60 -37.14 -29.20
CA GLN D 14 6.48 -37.93 -29.68
C GLN D 14 6.12 -37.60 -31.13
N SER D 15 6.25 -36.32 -31.49
CA SER D 15 5.93 -35.86 -32.82
C SER D 15 6.92 -36.33 -33.87
N GLY D 16 8.16 -36.54 -33.46
CA GLY D 16 9.19 -36.97 -34.40
C GLY D 16 9.73 -35.82 -35.23
N GLY D 17 9.35 -34.58 -34.89
CA GLY D 17 9.83 -33.44 -35.65
C GLY D 17 10.64 -32.46 -34.82
N ARG D 18 10.79 -31.25 -35.33
CA ARG D 18 11.54 -30.20 -34.63
C ARG D 18 10.55 -29.09 -34.28
N LEU D 19 10.37 -28.87 -32.99
CA LEU D 19 9.45 -27.86 -32.49
C LEU D 19 10.16 -26.60 -32.02
N GLY D 20 9.57 -25.45 -32.37
CA GLY D 20 10.12 -24.17 -31.98
C GLY D 20 9.03 -23.33 -31.33
N VAL D 21 9.26 -22.91 -30.08
CA VAL D 21 8.28 -22.11 -29.37
C VAL D 21 8.85 -20.87 -28.72
N ALA D 22 8.10 -19.78 -28.79
CA ALA D 22 8.47 -18.53 -28.17
C ALA D 22 7.20 -17.87 -27.65
N LEU D 23 7.09 -17.79 -26.33
CA LEU D 23 5.94 -17.18 -25.70
C LEU D 23 6.40 -15.98 -24.89
N ILE D 24 5.76 -14.84 -25.14
CA ILE D 24 6.08 -13.63 -24.39
C ILE D 24 4.84 -13.22 -23.62
N ASN D 25 4.99 -13.11 -22.30
CA ASN D 25 3.90 -12.71 -21.43
C ASN D 25 4.11 -11.22 -21.20
N THR D 26 3.30 -10.39 -21.83
CA THR D 26 3.46 -8.94 -21.68
C THR D 26 3.12 -8.48 -20.27
N ALA D 27 2.58 -9.37 -19.46
CA ALA D 27 2.23 -9.03 -18.09
C ALA D 27 3.48 -8.64 -17.32
N ASP D 28 4.58 -9.35 -17.59
CA ASP D 28 5.84 -9.10 -16.90
C ASP D 28 7.05 -9.31 -17.82
N ASN D 29 6.80 -9.46 -19.11
CA ASN D 29 7.86 -9.68 -20.09
C ASN D 29 8.60 -11.03 -19.94
N SER D 30 8.06 -11.92 -19.13
CA SER D 30 8.68 -13.23 -18.95
C SER D 30 8.52 -14.01 -20.26
N GLN D 31 9.38 -14.99 -20.49
CA GLN D 31 9.29 -15.78 -21.73
C GLN D 31 9.38 -17.29 -21.51
N VAL D 32 8.82 -18.03 -22.47
CA VAL D 32 8.87 -19.49 -22.47
C VAL D 32 9.51 -19.78 -23.81
N LEU D 33 10.72 -20.34 -23.78
CA LEU D 33 11.47 -20.62 -25.01
C LEU D 33 11.84 -22.08 -25.24
N TYR D 34 11.74 -22.52 -26.49
CA TYR D 34 12.09 -23.87 -26.89
C TYR D 34 12.64 -23.75 -28.31
N ARG D 35 13.95 -23.85 -28.47
CA ARG D 35 14.60 -23.70 -29.77
C ARG D 35 14.21 -22.33 -30.33
N ALA D 36 13.96 -21.40 -29.41
CA ALA D 36 13.55 -20.05 -29.76
C ALA D 36 14.53 -19.26 -30.62
N ASP D 37 15.79 -19.70 -30.66
CA ASP D 37 16.78 -19.01 -31.47
C ASP D 37 17.13 -19.78 -32.74
N GLU D 38 16.46 -20.90 -32.97
CA GLU D 38 16.70 -21.70 -34.17
C GLU D 38 15.86 -21.18 -35.33
N ARG D 39 16.37 -21.35 -36.55
CA ARG D 39 15.64 -20.91 -37.73
C ARG D 39 14.65 -21.95 -38.22
N PHE D 40 13.50 -21.48 -38.70
CA PHE D 40 12.43 -22.32 -39.22
C PHE D 40 11.86 -21.60 -40.43
N ALA D 41 11.41 -22.36 -41.43
CA ALA D 41 10.80 -21.76 -42.62
C ALA D 41 9.47 -21.18 -42.15
N MET D 42 9.19 -19.93 -42.52
CA MET D 42 7.97 -19.25 -42.09
C MET D 42 6.67 -19.63 -42.80
N CYS D 43 6.76 -20.16 -44.02
CA CYS D 43 5.59 -20.49 -44.84
C CYS D 43 4.71 -19.23 -44.89
N SER D 44 3.39 -19.38 -44.82
CA SER D 44 2.49 -18.22 -44.89
C SER D 44 2.58 -17.22 -43.76
N THR D 45 3.27 -17.56 -42.69
CA THR D 45 3.34 -16.61 -41.57
C THR D 45 4.17 -15.38 -41.91
N SER D 46 4.88 -15.43 -43.03
CA SER D 46 5.68 -14.29 -43.48
C SER D 46 4.73 -13.21 -44.02
N LYS D 47 3.49 -13.61 -44.26
CA LYS D 47 2.48 -12.69 -44.77
C LYS D 47 2.19 -11.55 -43.81
N VAL D 48 2.48 -11.76 -42.52
CA VAL D 48 2.24 -10.73 -41.51
C VAL D 48 3.22 -9.57 -41.62
N MET D 49 4.50 -9.90 -41.82
CA MET D 49 5.52 -8.87 -41.95
C MET D 49 5.26 -8.14 -43.26
N THR D 50 4.83 -8.89 -44.27
CA THR D 50 4.56 -8.32 -45.59
C THR D 50 3.40 -7.33 -45.52
N ALA D 51 2.28 -7.75 -44.94
CA ALA D 51 1.12 -6.89 -44.83
C ALA D 51 1.44 -5.67 -43.97
N ALA D 52 2.24 -5.87 -42.93
CA ALA D 52 2.62 -4.78 -42.04
C ALA D 52 3.48 -3.75 -42.77
N ALA D 53 4.27 -4.20 -43.74
CA ALA D 53 5.12 -3.31 -44.51
C ALA D 53 4.24 -2.37 -45.32
N VAL D 54 3.15 -2.91 -45.86
CA VAL D 54 2.21 -2.12 -46.62
C VAL D 54 1.50 -1.13 -45.68
N LEU D 55 1.18 -1.59 -44.48
CA LEU D 55 0.52 -0.73 -43.51
C LEU D 55 1.44 0.42 -43.12
N LYS D 56 2.73 0.14 -43.02
CA LYS D 56 3.68 1.18 -42.65
C LYS D 56 3.66 2.29 -43.70
N GLN D 57 3.59 1.90 -44.97
CA GLN D 57 3.55 2.87 -46.05
C GLN D 57 2.36 3.79 -45.93
N SER D 58 1.20 3.21 -45.60
CA SER D 58 -0.04 3.98 -45.48
C SER D 58 0.08 5.11 -44.45
N GLU D 59 1.05 5.01 -43.56
CA GLU D 59 1.26 6.04 -42.55
C GLU D 59 1.70 7.35 -43.20
N THR D 60 2.38 7.24 -44.34
CA THR D 60 2.86 8.41 -45.05
C THR D 60 2.10 8.65 -46.34
N HIS D 61 1.91 7.60 -47.15
CA HIS D 61 1.20 7.73 -48.42
C HIS D 61 -0.29 7.54 -48.20
N ASP D 62 -0.97 8.65 -47.89
CA ASP D 62 -2.40 8.63 -47.63
C ASP D 62 -3.22 8.06 -48.80
N GLY D 63 -4.10 7.12 -48.50
CA GLY D 63 -4.94 6.52 -49.52
C GLY D 63 -4.30 5.34 -50.25
N ILE D 64 -3.06 5.04 -49.89
CA ILE D 64 -2.34 3.94 -50.52
C ILE D 64 -3.09 2.61 -50.43
N LEU D 65 -3.78 2.38 -49.32
CA LEU D 65 -4.54 1.13 -49.15
C LEU D 65 -5.68 1.01 -50.15
N GLN D 66 -6.06 2.14 -50.74
CA GLN D 66 -7.15 2.17 -51.72
C GLN D 66 -6.62 1.99 -53.15
N GLN D 67 -5.30 1.97 -53.30
CA GLN D 67 -4.72 1.78 -54.63
C GLN D 67 -5.14 0.41 -55.14
N LYS D 68 -5.46 0.33 -56.42
CA LYS D 68 -5.91 -0.92 -57.02
C LYS D 68 -4.84 -1.62 -57.85
N MET D 69 -4.97 -2.94 -57.96
CA MET D 69 -4.07 -3.75 -58.74
C MET D 69 -4.94 -4.72 -59.53
N THR D 70 -4.62 -4.89 -60.81
CA THR D 70 -5.41 -5.77 -61.66
C THR D 70 -5.05 -7.24 -61.44
N ILE D 71 -6.07 -8.09 -61.43
CA ILE D 71 -5.86 -9.52 -61.25
C ILE D 71 -6.01 -10.25 -62.57
N LYS D 72 -4.93 -10.87 -63.04
CA LYS D 72 -4.97 -11.61 -64.29
C LYS D 72 -5.12 -13.10 -64.01
N LYS D 73 -5.69 -13.82 -64.97
CA LYS D 73 -5.87 -15.26 -64.83
C LYS D 73 -4.48 -15.86 -64.71
N ALA D 74 -3.50 -15.17 -65.29
CA ALA D 74 -2.11 -15.60 -65.27
C ALA D 74 -1.41 -15.34 -63.94
N ASP D 75 -2.01 -14.50 -63.09
CA ASP D 75 -1.42 -14.19 -61.79
C ASP D 75 -1.70 -15.28 -60.76
N LEU D 76 -2.75 -16.07 -61.00
CA LEU D 76 -3.12 -17.14 -60.08
C LEU D 76 -2.00 -18.14 -59.79
N THR D 77 -1.95 -18.57 -58.53
CA THR D 77 -0.95 -19.54 -58.10
C THR D 77 -1.62 -20.82 -57.67
N ASN D 78 -1.12 -21.44 -56.61
CA ASN D 78 -1.66 -22.70 -56.12
C ASN D 78 -2.79 -22.56 -55.09
N TRP D 79 -2.94 -21.37 -54.51
CA TRP D 79 -3.99 -21.14 -53.53
C TRP D 79 -4.54 -19.73 -53.70
N ASN D 80 -5.70 -19.63 -54.33
CA ASN D 80 -6.31 -18.35 -54.62
C ASN D 80 -7.78 -18.28 -54.20
N PRO D 81 -8.07 -18.58 -52.93
CA PRO D 81 -9.46 -18.55 -52.45
C PRO D 81 -10.20 -17.25 -52.75
N VAL D 82 -9.53 -16.12 -52.60
CA VAL D 82 -10.17 -14.83 -52.86
C VAL D 82 -9.88 -14.23 -54.23
N THR D 83 -8.61 -14.20 -54.61
CA THR D 83 -8.21 -13.64 -55.89
C THR D 83 -8.83 -14.30 -57.11
N GLU D 84 -9.14 -15.59 -57.02
CA GLU D 84 -9.71 -16.27 -58.18
C GLU D 84 -11.09 -15.74 -58.51
N LYS D 85 -11.68 -15.02 -57.55
CA LYS D 85 -13.01 -14.44 -57.75
C LYS D 85 -12.90 -13.08 -58.42
N TYR D 86 -11.68 -12.52 -58.44
CA TYR D 86 -11.45 -11.21 -59.04
C TYR D 86 -10.60 -11.25 -60.30
N VAL D 87 -10.56 -12.40 -60.97
CA VAL D 87 -9.79 -12.52 -62.20
C VAL D 87 -10.46 -11.63 -63.25
N GLY D 88 -9.67 -10.77 -63.87
CA GLY D 88 -10.22 -9.89 -64.88
C GLY D 88 -10.73 -8.60 -64.26
N ASN D 89 -10.62 -8.49 -62.95
CA ASN D 89 -11.07 -7.30 -62.22
C ASN D 89 -9.91 -6.78 -61.38
N THR D 90 -10.20 -5.95 -60.37
CA THR D 90 -9.14 -5.42 -59.52
C THR D 90 -9.45 -5.53 -58.03
N MET D 91 -8.41 -5.38 -57.23
CA MET D 91 -8.50 -5.44 -55.77
C MET D 91 -7.61 -4.35 -55.20
N THR D 92 -8.04 -3.74 -54.10
CA THR D 92 -7.23 -2.70 -53.48
C THR D 92 -6.17 -3.38 -52.62
N LEU D 93 -5.17 -2.63 -52.22
CA LEU D 93 -4.10 -3.17 -51.38
C LEU D 93 -4.67 -3.66 -50.05
N ALA D 94 -5.73 -3.00 -49.59
CA ALA D 94 -6.39 -3.37 -48.33
C ALA D 94 -7.10 -4.71 -48.51
N GLU D 95 -7.77 -4.88 -49.65
CA GLU D 95 -8.48 -6.12 -49.94
C GLU D 95 -7.45 -7.24 -50.15
N LEU D 96 -6.33 -6.90 -50.77
CA LEU D 96 -5.28 -7.88 -51.00
C LEU D 96 -4.65 -8.28 -49.67
N SER D 97 -4.40 -7.31 -48.80
CA SER D 97 -3.83 -7.59 -47.49
C SER D 97 -4.76 -8.50 -46.70
N ALA D 98 -6.05 -8.15 -46.67
CA ALA D 98 -7.04 -8.94 -45.96
C ALA D 98 -7.10 -10.37 -46.48
N ALA D 99 -7.07 -10.51 -47.80
CA ALA D 99 -7.15 -11.83 -48.42
C ALA D 99 -5.95 -12.71 -48.08
N THR D 100 -4.77 -12.09 -48.06
CA THR D 100 -3.56 -12.86 -47.77
C THR D 100 -3.48 -13.21 -46.29
N LEU D 101 -3.97 -12.33 -45.42
CA LEU D 101 -3.91 -12.60 -44.00
C LEU D 101 -5.02 -13.51 -43.48
N GLN D 102 -6.23 -13.34 -44.01
CA GLN D 102 -7.36 -14.11 -43.53
C GLN D 102 -7.70 -15.40 -44.25
N TYR D 103 -7.28 -15.54 -45.51
CA TYR D 103 -7.52 -16.77 -46.25
C TYR D 103 -6.21 -17.31 -46.80
N SER D 104 -5.11 -16.65 -46.44
CA SER D 104 -3.77 -17.04 -46.87
C SER D 104 -3.67 -17.14 -48.38
N ASP D 105 -4.32 -16.21 -49.08
CA ASP D 105 -4.31 -16.20 -50.54
C ASP D 105 -2.90 -15.92 -51.07
N ASN D 106 -2.35 -16.87 -51.83
CA ASN D 106 -1.00 -16.74 -52.38
C ASN D 106 -0.86 -15.67 -53.46
N THR D 107 -1.86 -15.56 -54.32
CA THR D 107 -1.81 -14.55 -55.38
C THR D 107 -1.85 -13.16 -54.76
N ALA D 108 -2.62 -13.02 -53.69
CA ALA D 108 -2.71 -11.73 -53.01
C ALA D 108 -1.33 -11.41 -52.45
N MET D 109 -0.67 -12.42 -51.87
CA MET D 109 0.66 -12.25 -51.30
C MET D 109 1.62 -11.69 -52.35
N ASN D 110 1.65 -12.33 -53.53
CA ASN D 110 2.52 -11.89 -54.61
C ASN D 110 2.21 -10.47 -55.07
N LYS D 111 0.93 -10.08 -55.04
CA LYS D 111 0.55 -8.73 -55.43
C LYS D 111 1.17 -7.74 -54.47
N LEU D 112 1.12 -8.04 -53.18
CA LEU D 112 1.71 -7.14 -52.19
C LEU D 112 3.22 -7.06 -52.40
N LEU D 113 3.84 -8.22 -52.65
CA LEU D 113 5.28 -8.27 -52.86
C LEU D 113 5.65 -7.42 -54.08
N ALA D 114 4.86 -7.54 -55.14
CA ALA D 114 5.10 -6.77 -56.35
C ALA D 114 4.99 -5.29 -56.00
N HIS D 115 3.98 -4.94 -55.22
CA HIS D 115 3.78 -3.55 -54.84
C HIS D 115 4.94 -3.01 -54.02
N LEU D 116 5.49 -3.84 -53.14
CA LEU D 116 6.59 -3.43 -52.29
C LEU D 116 7.95 -3.46 -53.00
N GLY D 117 8.01 -4.08 -54.17
CA GLY D 117 9.25 -4.15 -54.91
C GLY D 117 10.04 -5.42 -54.65
N GLY D 118 9.40 -6.44 -54.08
CA GLY D 118 10.10 -7.68 -53.83
C GLY D 118 10.32 -8.05 -52.37
N PRO D 119 10.65 -9.32 -52.11
CA PRO D 119 10.90 -9.88 -50.78
C PRO D 119 11.97 -9.10 -50.02
N GLY D 120 12.95 -8.60 -50.75
CA GLY D 120 14.03 -7.84 -50.13
C GLY D 120 13.53 -6.62 -49.40
N ASN D 121 12.43 -6.04 -49.88
CA ASN D 121 11.86 -4.86 -49.24
C ASN D 121 11.15 -5.22 -47.94
N VAL D 122 10.66 -6.44 -47.85
CA VAL D 122 10.00 -6.88 -46.63
C VAL D 122 11.11 -7.11 -45.60
N THR D 123 12.23 -7.66 -46.05
CA THR D 123 13.36 -7.89 -45.15
C THR D 123 13.82 -6.55 -44.62
N ALA D 124 13.92 -5.55 -45.50
CA ALA D 124 14.33 -4.22 -45.11
C ALA D 124 13.40 -3.67 -44.04
N PHE D 125 12.10 -3.84 -44.23
CA PHE D 125 11.12 -3.37 -43.25
C PHE D 125 11.40 -4.03 -41.91
N ALA D 126 11.63 -5.35 -41.94
CA ALA D 126 11.91 -6.08 -40.70
C ALA D 126 13.09 -5.45 -39.98
N ARG D 127 14.15 -5.16 -40.73
CA ARG D 127 15.32 -4.54 -40.14
C ARG D 127 14.97 -3.16 -39.57
N SER D 128 14.06 -2.44 -40.24
CA SER D 128 13.68 -1.12 -39.78
C SER D 128 13.00 -1.15 -38.41
N ILE D 129 12.43 -2.29 -38.02
CA ILE D 129 11.77 -2.36 -36.72
C ILE D 129 12.63 -3.10 -35.70
N GLY D 130 13.90 -3.27 -36.03
CA GLY D 130 14.81 -3.94 -35.12
C GLY D 130 14.87 -5.46 -35.24
N ASP D 131 14.30 -6.03 -36.29
CA ASP D 131 14.33 -7.49 -36.45
C ASP D 131 15.48 -7.84 -37.38
N THR D 132 16.57 -8.35 -36.82
CA THR D 132 17.74 -8.71 -37.63
C THR D 132 17.80 -10.19 -38.03
N THR D 133 16.78 -10.95 -37.66
CA THR D 133 16.73 -12.39 -37.95
C THR D 133 15.90 -12.69 -39.20
N PHE D 134 14.72 -12.09 -39.26
CA PHE D 134 13.80 -12.27 -40.39
C PHE D 134 14.42 -12.01 -41.75
N ARG D 135 14.03 -12.83 -42.72
CA ARG D 135 14.50 -12.65 -44.09
C ARG D 135 13.51 -13.29 -45.04
N LEU D 136 13.11 -12.55 -46.06
CA LEU D 136 12.19 -13.06 -47.07
C LEU D 136 13.02 -13.03 -48.34
N ASP D 137 13.08 -14.16 -49.03
CA ASP D 137 13.92 -14.27 -50.21
C ASP D 137 13.22 -14.57 -51.52
N ARG D 138 12.12 -15.30 -51.46
CA ARG D 138 11.38 -15.69 -52.66
C ARG D 138 9.90 -15.30 -52.58
N LYS D 139 9.19 -15.45 -53.68
CA LYS D 139 7.76 -15.14 -53.73
C LYS D 139 6.98 -16.45 -53.64
N GLU D 140 5.65 -16.36 -53.75
CA GLU D 140 4.80 -17.56 -53.70
C GLU D 140 4.88 -18.24 -55.05
N PRO D 141 4.92 -19.59 -55.07
CA PRO D 141 4.88 -20.46 -53.89
C PRO D 141 6.26 -20.98 -53.46
N GLU D 142 7.30 -20.58 -54.19
CA GLU D 142 8.67 -21.02 -53.90
C GLU D 142 9.16 -20.83 -52.47
N LEU D 143 8.62 -19.82 -51.80
CA LEU D 143 9.04 -19.54 -50.42
C LEU D 143 8.61 -20.63 -49.45
N ASN D 144 7.83 -21.60 -49.92
CA ASN D 144 7.34 -22.67 -49.06
C ASN D 144 8.13 -23.99 -49.15
N THR D 145 9.31 -24.01 -49.75
CA THR D 145 10.06 -25.26 -49.86
C THR D 145 10.47 -25.82 -48.50
N ALA D 146 10.74 -24.92 -47.54
CA ALA D 146 11.11 -25.30 -46.18
C ALA D 146 12.18 -26.39 -46.13
N ILE D 147 13.15 -26.31 -47.02
CA ILE D 147 14.22 -27.29 -47.05
C ILE D 147 15.08 -27.21 -45.79
N PRO D 148 15.29 -28.34 -45.10
CA PRO D 148 16.10 -28.35 -43.88
C PRO D 148 17.50 -27.81 -44.15
N GLY D 149 17.95 -26.88 -43.31
CA GLY D 149 19.27 -26.31 -43.49
C GLY D 149 19.30 -25.09 -44.40
N ASP D 150 18.20 -24.84 -45.11
CA ASP D 150 18.12 -23.69 -46.01
C ASP D 150 17.68 -22.49 -45.17
N GLU D 151 18.43 -21.40 -45.24
CA GLU D 151 18.08 -20.23 -44.45
C GLU D 151 17.12 -19.28 -45.16
N ARG D 152 16.85 -19.54 -46.44
CA ARG D 152 15.94 -18.70 -47.19
C ARG D 152 14.54 -18.71 -46.58
N ASP D 153 13.92 -17.53 -46.50
CA ASP D 153 12.57 -17.36 -45.98
C ASP D 153 12.38 -17.97 -44.60
N THR D 154 13.27 -17.62 -43.68
CA THR D 154 13.19 -18.15 -42.33
C THR D 154 13.35 -17.08 -41.27
N THR D 155 13.11 -17.48 -40.03
CA THR D 155 13.27 -16.60 -38.89
C THR D 155 13.25 -17.49 -37.66
N SER D 156 13.46 -16.91 -36.49
CA SER D 156 13.46 -17.68 -35.27
C SER D 156 12.14 -17.46 -34.54
N PRO D 157 11.73 -18.41 -33.70
CA PRO D 157 10.48 -18.21 -32.98
C PRO D 157 10.51 -16.94 -32.14
N LEU D 158 11.64 -16.69 -31.48
CA LEU D 158 11.74 -15.51 -30.63
C LEU D 158 11.74 -14.20 -31.42
N ALA D 159 12.45 -14.18 -32.54
CA ALA D 159 12.50 -12.97 -33.37
C ALA D 159 11.11 -12.62 -33.90
N MET D 160 10.36 -13.65 -34.31
CA MET D 160 9.02 -13.40 -34.82
C MET D 160 8.08 -12.98 -33.70
N ALA D 161 8.26 -13.55 -32.51
CA ALA D 161 7.42 -13.20 -31.38
C ALA D 161 7.62 -11.73 -31.02
N LYS D 162 8.89 -11.30 -31.00
CA LYS D 162 9.19 -9.91 -30.68
C LYS D 162 8.63 -8.96 -31.73
N SER D 163 8.77 -9.32 -33.01
CA SER D 163 8.27 -8.45 -34.07
C SER D 163 6.74 -8.38 -34.09
N LEU D 164 6.09 -9.52 -33.90
CA LEU D 164 4.63 -9.53 -33.88
C LEU D 164 4.18 -8.63 -32.74
N ARG D 165 4.91 -8.69 -31.63
CA ARG D 165 4.58 -7.86 -30.47
C ARG D 165 4.77 -6.38 -30.81
N LYS D 166 5.91 -6.05 -31.39
CA LYS D 166 6.21 -4.68 -31.78
C LYS D 166 5.14 -4.14 -32.72
N LEU D 167 4.73 -4.96 -33.68
CA LEU D 167 3.73 -4.58 -34.66
C LEU D 167 2.29 -4.45 -34.16
N THR D 168 1.88 -5.34 -33.26
CA THR D 168 0.51 -5.33 -32.78
C THR D 168 0.28 -4.59 -31.47
N LEU D 169 1.28 -4.59 -30.59
CA LEU D 169 1.14 -3.93 -29.30
C LEU D 169 2.12 -2.79 -29.08
N GLY D 170 3.19 -2.78 -29.87
CA GLY D 170 4.21 -1.75 -29.74
C GLY D 170 4.02 -0.50 -30.57
N ASP D 171 5.12 0.08 -31.01
CA ASP D 171 5.08 1.30 -31.80
C ASP D 171 5.63 1.16 -33.22
N ALA D 172 5.87 -0.07 -33.65
CA ALA D 172 6.39 -0.31 -35.00
C ALA D 172 5.41 0.23 -36.04
N LEU D 173 4.13 0.28 -35.67
CA LEU D 173 3.09 0.83 -36.54
C LEU D 173 2.35 1.90 -35.76
N ALA D 174 1.76 2.86 -36.47
CA ALA D 174 1.01 3.92 -35.83
C ALA D 174 -0.41 3.41 -35.49
N GLY D 175 -1.07 4.09 -34.57
CA GLY D 175 -2.40 3.71 -34.13
C GLY D 175 -3.34 3.09 -35.15
N PRO D 176 -3.72 3.83 -36.21
CA PRO D 176 -4.63 3.34 -37.25
C PRO D 176 -4.16 2.03 -37.91
N GLN D 177 -2.90 2.00 -38.31
CA GLN D 177 -2.34 0.82 -38.96
C GLN D 177 -2.29 -0.38 -38.02
N ARG D 178 -1.91 -0.12 -36.78
CA ARG D 178 -1.81 -1.15 -35.74
C ARG D 178 -3.18 -1.80 -35.49
N ALA D 179 -4.23 -0.97 -35.40
CA ALA D 179 -5.59 -1.47 -35.16
C ALA D 179 -6.09 -2.28 -36.35
N GLN D 180 -5.64 -1.94 -37.55
CA GLN D 180 -6.03 -2.66 -38.75
C GLN D 180 -5.34 -4.03 -38.78
N LEU D 181 -4.08 -4.07 -38.37
CA LEU D 181 -3.34 -5.33 -38.35
C LEU D 181 -3.96 -6.27 -37.33
N VAL D 182 -4.29 -5.75 -36.16
CA VAL D 182 -4.90 -6.55 -35.11
C VAL D 182 -6.26 -7.08 -35.59
N ASP D 183 -7.07 -6.19 -36.15
CA ASP D 183 -8.38 -6.60 -36.64
C ASP D 183 -8.26 -7.66 -37.72
N TRP D 184 -7.27 -7.53 -38.59
CA TRP D 184 -7.10 -8.53 -39.64
C TRP D 184 -6.71 -9.88 -39.04
N LEU D 185 -5.81 -9.87 -38.07
CA LEU D 185 -5.35 -11.10 -37.42
C LEU D 185 -6.49 -11.79 -36.66
N LYS D 186 -7.36 -10.98 -36.08
CA LYS D 186 -8.50 -11.52 -35.34
C LYS D 186 -9.48 -12.16 -36.33
N GLY D 187 -9.48 -11.66 -37.57
CA GLY D 187 -10.38 -12.18 -38.58
C GLY D 187 -9.82 -13.36 -39.35
N ASN D 188 -8.73 -13.94 -38.88
CA ASN D 188 -8.15 -15.09 -39.58
C ASN D 188 -9.14 -16.24 -39.56
N THR D 189 -9.36 -16.86 -40.72
CA THR D 189 -10.31 -17.97 -40.81
C THR D 189 -9.66 -19.36 -40.87
N THR D 190 -8.33 -19.43 -40.86
CA THR D 190 -7.64 -20.71 -40.98
C THR D 190 -6.94 -21.25 -39.72
N GLY D 191 -7.06 -20.55 -38.59
CA GLY D 191 -6.37 -21.02 -37.40
C GLY D 191 -7.17 -21.88 -36.44
N GLY D 192 -8.38 -22.26 -36.86
CA GLY D 192 -9.24 -23.07 -36.01
C GLY D 192 -8.64 -24.31 -35.35
N GLN D 193 -7.74 -24.99 -36.03
CA GLN D 193 -7.16 -26.21 -35.48
C GLN D 193 -5.73 -26.07 -34.96
N SER D 194 -5.24 -24.84 -34.84
CA SER D 194 -3.87 -24.64 -34.39
C SER D 194 -3.75 -24.10 -32.96
N ILE D 195 -3.09 -22.96 -32.79
CA ILE D 195 -2.94 -22.38 -31.45
C ILE D 195 -4.30 -22.19 -30.77
N ARG D 196 -5.29 -21.73 -31.53
CA ARG D 196 -6.63 -21.50 -31.00
C ARG D 196 -7.24 -22.77 -30.38
N ALA D 197 -6.96 -23.92 -30.98
CA ALA D 197 -7.50 -25.19 -30.51
C ALA D 197 -7.00 -25.57 -29.12
N GLY D 198 -5.88 -25.00 -28.69
CA GLY D 198 -5.35 -25.32 -27.38
C GLY D 198 -5.66 -24.27 -26.33
N LEU D 199 -6.61 -23.38 -26.63
CA LEU D 199 -6.97 -22.33 -25.69
C LEU D 199 -8.44 -22.36 -25.30
N PRO D 200 -8.78 -21.78 -24.14
CA PRO D 200 -10.19 -21.75 -23.72
C PRO D 200 -10.93 -21.07 -24.86
N ALA D 201 -12.12 -21.55 -25.19
CA ALA D 201 -12.89 -21.00 -26.28
C ALA D 201 -13.21 -19.51 -26.24
N HIS D 202 -13.30 -18.93 -25.05
CA HIS D 202 -13.64 -17.51 -24.94
C HIS D 202 -12.48 -16.53 -25.00
N TRP D 203 -11.24 -17.02 -25.02
CA TRP D 203 -10.09 -16.12 -25.11
C TRP D 203 -10.11 -15.52 -26.53
N VAL D 204 -9.65 -14.28 -26.65
CA VAL D 204 -9.63 -13.62 -27.95
C VAL D 204 -8.27 -13.78 -28.61
N VAL D 205 -8.28 -14.11 -29.89
CA VAL D 205 -7.02 -14.35 -30.59
C VAL D 205 -6.93 -13.77 -32.01
N GLY D 206 -5.77 -13.24 -32.34
CA GLY D 206 -5.46 -12.75 -33.64
C GLY D 206 -4.27 -13.61 -34.06
N ASP D 207 -4.34 -14.26 -35.23
CA ASP D 207 -3.21 -15.11 -35.63
C ASP D 207 -3.07 -15.32 -37.12
N LYS D 208 -1.93 -15.91 -37.49
CA LYS D 208 -1.66 -16.24 -38.87
C LYS D 208 -1.01 -17.61 -38.88
N THR D 209 -1.67 -18.55 -39.54
CA THR D 209 -1.16 -19.91 -39.64
C THR D 209 -0.31 -20.06 -40.87
N GLY D 210 0.31 -21.23 -40.99
CA GLY D 210 1.14 -21.52 -42.14
C GLY D 210 1.39 -23.01 -42.18
N ALA D 211 1.48 -23.55 -43.39
CA ALA D 211 1.74 -24.96 -43.56
C ALA D 211 2.45 -25.13 -44.89
N CYS D 212 3.55 -25.87 -44.88
CA CYS D 212 4.26 -26.08 -46.13
C CYS D 212 5.07 -27.37 -46.15
N ASP D 213 5.99 -27.49 -47.09
CA ASP D 213 6.78 -28.71 -47.22
C ASP D 213 7.49 -29.17 -45.97
N TYR D 214 7.87 -30.44 -45.98
CA TYR D 214 8.53 -31.07 -44.85
C TYR D 214 7.60 -31.03 -43.66
N GLY D 215 6.31 -31.15 -43.96
CA GLY D 215 5.28 -31.16 -42.93
C GLY D 215 5.36 -29.99 -41.97
N THR D 216 5.87 -28.86 -42.48
CA THR D 216 6.01 -27.67 -41.65
C THR D 216 4.65 -27.07 -41.37
N THR D 217 4.36 -26.89 -40.09
CA THR D 217 3.08 -26.38 -39.63
C THR D 217 3.39 -25.27 -38.65
N ASN D 218 2.95 -24.05 -38.97
CA ASN D 218 3.21 -22.89 -38.12
C ASN D 218 1.99 -22.12 -37.71
N ASP D 219 2.20 -21.21 -36.79
CA ASP D 219 1.14 -20.33 -36.29
C ASP D 219 1.78 -19.31 -35.37
N ILE D 220 1.43 -18.04 -35.57
CA ILE D 220 1.94 -16.98 -34.72
C ILE D 220 0.71 -16.22 -34.29
N ALA D 221 0.63 -15.88 -33.01
CA ALA D 221 -0.58 -15.18 -32.54
C ALA D 221 -0.36 -14.29 -31.33
N VAL D 222 -1.34 -13.45 -31.12
CA VAL D 222 -1.41 -12.56 -29.98
C VAL D 222 -2.66 -13.06 -29.26
N ILE D 223 -2.52 -13.36 -27.97
CA ILE D 223 -3.61 -13.90 -27.18
C ILE D 223 -4.01 -13.00 -26.02
N TRP D 224 -5.31 -12.77 -25.90
CA TRP D 224 -5.82 -11.96 -24.80
C TRP D 224 -6.60 -12.90 -23.89
N PRO D 225 -5.98 -13.36 -22.79
CA PRO D 225 -6.66 -14.26 -21.86
C PRO D 225 -7.58 -13.48 -20.93
N GLU D 226 -8.87 -13.49 -21.26
CA GLU D 226 -9.86 -12.76 -20.49
C GLU D 226 -9.39 -11.31 -20.33
N ASP D 227 -9.40 -10.79 -19.10
CA ASP D 227 -8.97 -9.41 -18.89
C ASP D 227 -7.51 -9.26 -18.49
N ARG D 228 -6.72 -10.33 -18.69
CA ARG D 228 -5.30 -10.31 -18.36
C ARG D 228 -4.44 -9.81 -19.52
N ALA D 229 -3.20 -9.46 -19.21
CA ALA D 229 -2.27 -8.94 -20.21
C ALA D 229 -2.08 -9.93 -21.37
N PRO D 230 -1.90 -9.40 -22.59
CA PRO D 230 -1.71 -10.18 -23.80
C PRO D 230 -0.48 -11.09 -23.79
N LEU D 231 -0.58 -12.21 -24.50
CA LEU D 231 0.51 -13.16 -24.62
C LEU D 231 0.85 -13.24 -26.11
N VAL D 232 2.14 -13.18 -26.44
CA VAL D 232 2.56 -13.27 -27.84
C VAL D 232 3.15 -14.65 -28.00
N LEU D 233 2.57 -15.44 -28.90
CA LEU D 233 3.02 -16.81 -29.09
C LEU D 233 3.34 -17.24 -30.50
N VAL D 234 4.51 -17.85 -30.66
CA VAL D 234 4.95 -18.38 -31.94
C VAL D 234 5.21 -19.86 -31.75
N THR D 235 4.58 -20.68 -32.57
CA THR D 235 4.78 -22.10 -32.52
C THR D 235 5.09 -22.57 -33.94
N TYR D 236 6.34 -22.99 -34.12
CA TYR D 236 6.85 -23.41 -35.40
C TYR D 236 7.15 -24.90 -35.34
N PHE D 237 6.82 -25.64 -36.39
CA PHE D 237 7.06 -27.09 -36.39
C PHE D 237 7.38 -27.59 -37.79
N THR D 238 8.43 -28.41 -37.90
CA THR D 238 8.80 -28.98 -39.19
C THR D 238 9.22 -30.44 -39.01
N GLN D 239 9.20 -31.21 -40.09
CA GLN D 239 9.54 -32.64 -39.99
C GLN D 239 10.62 -33.10 -40.98
N PRO D 240 11.18 -34.30 -40.74
CA PRO D 240 12.23 -34.87 -41.59
C PRO D 240 11.85 -35.18 -43.04
N GLN D 241 10.62 -35.64 -43.25
CA GLN D 241 10.17 -36.02 -44.59
C GLN D 241 9.54 -34.87 -45.35
N GLN D 242 10.00 -34.67 -46.58
CA GLN D 242 9.50 -33.60 -47.43
C GLN D 242 7.97 -33.70 -47.56
N ASP D 243 7.48 -34.93 -47.68
CA ASP D 243 6.05 -35.16 -47.85
C ASP D 243 5.28 -35.45 -46.56
N ALA D 244 5.84 -35.08 -45.42
CA ALA D 244 5.18 -35.32 -44.14
C ALA D 244 3.84 -34.58 -44.06
N LYS D 245 2.91 -35.14 -43.30
CA LYS D 245 1.59 -34.54 -43.13
C LYS D 245 1.65 -33.41 -42.10
N TRP D 246 0.79 -32.42 -42.27
CA TRP D 246 0.76 -31.30 -41.35
C TRP D 246 0.26 -31.73 -39.96
N ARG D 247 0.83 -31.13 -38.93
CA ARG D 247 0.46 -31.46 -37.56
C ARG D 247 -0.01 -30.23 -36.80
N LYS D 248 -1.21 -29.75 -37.13
CA LYS D 248 -1.76 -28.58 -36.45
C LYS D 248 -2.05 -28.91 -34.98
N ASP D 249 -2.28 -30.20 -34.71
CA ASP D 249 -2.57 -30.66 -33.36
C ASP D 249 -1.35 -30.48 -32.46
N VAL D 250 -0.16 -30.53 -33.07
CA VAL D 250 1.07 -30.35 -32.31
C VAL D 250 1.18 -28.91 -31.82
N LEU D 251 0.74 -27.97 -32.66
CA LEU D 251 0.80 -26.56 -32.28
C LEU D 251 -0.21 -26.30 -31.18
N ALA D 252 -1.39 -26.90 -31.31
CA ALA D 252 -2.45 -26.74 -30.32
C ALA D 252 -1.96 -27.28 -28.98
N ALA D 253 -1.25 -28.41 -29.03
CA ALA D 253 -0.72 -29.04 -27.82
C ALA D 253 0.32 -28.14 -27.18
N ALA D 254 1.20 -27.59 -28.02
CA ALA D 254 2.23 -26.70 -27.50
C ALA D 254 1.58 -25.46 -26.87
N ALA D 255 0.57 -24.92 -27.53
CA ALA D 255 -0.13 -23.74 -27.01
C ALA D 255 -0.76 -24.00 -25.65
N LYS D 256 -1.43 -25.14 -25.51
CA LYS D 256 -2.07 -25.50 -24.26
C LYS D 256 -1.01 -25.58 -23.16
N ILE D 257 0.12 -26.20 -23.48
CA ILE D 257 1.23 -26.36 -22.54
C ILE D 257 1.77 -25.04 -21.97
N VAL D 258 2.05 -24.08 -22.84
CA VAL D 258 2.61 -22.81 -22.38
C VAL D 258 1.62 -21.73 -21.93
N THR D 259 0.34 -21.89 -22.24
CA THR D 259 -0.64 -20.89 -21.85
C THR D 259 -1.56 -21.37 -20.72
N GLU D 260 -1.54 -22.66 -20.44
CA GLU D 260 -2.36 -23.23 -19.39
C GLU D 260 -2.10 -22.48 -18.08
N GLY D 261 -3.16 -21.93 -17.49
CA GLY D 261 -3.01 -21.19 -16.25
C GLY D 261 -2.64 -19.72 -16.38
N LYS D 262 -2.49 -19.24 -17.61
CA LYS D 262 -2.14 -17.83 -17.82
C LYS D 262 -3.41 -16.97 -17.84
C1 MER E . -13.68 21.31 22.91
C2 MER E . -11.22 23.16 20.00
C3 MER E . -14.40 22.19 21.74
C4 MER E . -13.23 22.01 20.69
C5 MER E . -10.94 22.16 20.87
O6 MER E . -13.33 21.70 24.04
C7 MER E . -15.79 21.55 21.32
O8 MER E . -16.48 22.37 20.52
C9 MER E . -16.52 21.08 22.55
N10 MER E . -12.02 21.48 21.21
C11 MER E . -9.64 21.80 21.36
O12 MER E . -9.54 20.83 22.14
O13 MER E . -8.49 22.51 21.02
S14 MER E . -10.42 24.82 20.09
C15 MER E . -9.55 25.21 18.50
C16 MER E . -10.47 25.57 17.32
C17 MER E . -10.50 27.16 17.41
C18 MER E . -12.77 23.21 19.90
N19 MER E . -9.70 27.41 18.61
C20 MER E . -13.09 24.59 20.58
C21 MER E . -8.60 26.37 18.62
C22 MER E . -9.89 27.83 16.10
N23 MER E . -9.71 26.97 14.94
O24 MER E . -8.83 28.43 16.39
C25 MER E . -8.36 26.67 14.51
C26 MER E . -10.53 27.40 13.84
C1 MER F . 26.77 -9.98 29.93
C2 MER F . 29.06 -6.33 30.06
C3 MER F . 28.22 -9.83 30.55
C4 MER F . 28.27 -8.32 31.07
C5 MER F . 27.71 -6.36 29.97
O6 MER F . 26.66 -10.27 28.74
C7 MER F . 28.26 -10.93 31.71
O8 MER F . 27.24 -10.78 32.60
C9 MER F . 29.63 -10.96 32.32
N10 MER F . 27.27 -7.50 30.52
C11 MER F . 26.84 -5.38 29.37
O12 MER F . 25.59 -5.57 29.36
O13 MER F . 27.34 -4.23 28.81
S14 MER F . 30.15 -5.14 29.15
C15 MER F . 31.59 -4.44 30.08
C16 MER F . 31.59 -2.89 30.13
C17 MER F . 30.39 -2.65 31.13
C18 MER F . 29.55 -7.52 30.83
N19 MER F . 30.30 -3.90 31.87
C20 MER F . 30.61 -8.26 29.90
C21 MER F . 31.48 -4.75 31.63
C22 MER F . 30.67 -1.39 32.05
N23 MER F . 31.81 -0.53 31.73
O24 MER F . 30.72 -1.75 33.25
C25 MER F . 32.94 -0.45 32.65
C26 MER F . 31.34 0.76 31.35
C1 MER G . -14.48 9.51 -7.45
C2 MER G . -15.41 5.78 -5.54
C3 MER G . -14.74 9.30 -5.90
C4 MER G . -14.24 7.80 -5.65
C5 MER G . -14.83 5.86 -6.76
O6 MER G . -15.44 9.70 -8.19
C7 MER G . -13.86 10.41 -5.19
O8 MER G . -12.54 10.34 -5.52
C9 MER G . -14.11 10.38 -3.69
N10 MER G . -14.15 7.01 -6.81
C11 MER G . -14.88 4.92 -7.83
O12 MER G . -14.26 5.17 -8.90
O13 MER G . -15.58 3.74 -7.74
S14 MER G . -16.56 4.47 -4.98
C15 MER G . -16.90 4.65 -3.18
C16 MER G . -17.76 3.50 -2.64
C17 MER G . -16.74 2.34 -2.95
C18 MER G . -15.08 6.98 -4.69
N19 MER G . -15.44 2.99 -2.70
C20 MER G . -16.43 7.72 -4.30
C21 MER G . -15.59 4.40 -2.34
C22 MER G . -17.02 1.11 -2.01
N23 MER G . -18.28 1.10 -1.28
O24 MER G . -16.03 0.96 -1.24
C25 MER G . -18.34 0.74 0.11
C26 MER G . -19.25 0.39 -2.06
C1 MER H . 1.05 -21.06 -46.04
C2 MER H . -2.82 -22.97 -45.56
C3 MER H . 0.24 -21.85 -47.15
C4 MER H . -1.32 -21.67 -46.84
C5 MER H . -2.46 -21.88 -44.84
O6 MER H . 1.76 -21.70 -45.28
C7 MER H . 0.78 -21.20 -48.50
O8 MER H . 0.76 -19.85 -48.56
C9 MER H . 0.15 -21.91 -49.67
N10 MER H . -1.59 -21.15 -45.56
C11 MER H . -2.89 -21.55 -43.51
O12 MER H . -2.43 -20.50 -42.97
O13 MER H . -3.76 -22.34 -42.81
S14 MER H . -3.70 -24.43 -44.86
C15 MER H . -4.86 -25.28 -46.01
C16 MER H . -6.20 -25.61 -45.34
C17 MER H . -6.91 -24.19 -45.37
C18 MER H . -2.20 -22.91 -46.94
N19 MER H . -6.06 -23.40 -46.25
C20 MER H . -1.34 -24.24 -47.12
C21 MER H . -5.33 -24.30 -47.15
C22 MER H . -8.39 -24.39 -45.88
N23 MER H . -8.90 -25.76 -45.93
O24 MER H . -8.51 -23.82 -46.99
C25 MER H . -9.04 -26.46 -47.20
C26 MER H . -10.10 -25.84 -45.14
#